data_4ILG
#
_entry.id   4ILG
#
_cell.length_a   84.768
_cell.length_b   63.739
_cell.length_c   110.518
_cell.angle_alpha   90.00
_cell.angle_beta   95.39
_cell.angle_gamma   90.00
#
_symmetry.space_group_name_H-M   'P 1 21 1'
#
loop_
_entity.id
_entity.type
_entity.pdbx_description
1 polymer 'A1 cistron-splicing factor AAR2'
2 polymer 'Pre-mRNA-splicing factor 8'
3 polymer 'Pre-mRNA-splicing factor 8'
4 non-polymer '4-(2-HYDROXYETHYL)-1-PIPERAZINE ETHANESULFONIC ACID'
5 water water
#
loop_
_entity_poly.entity_id
_entity_poly.type
_entity_poly.pdbx_seq_one_letter_code
_entity_poly.pdbx_strand_id
1 'polypeptide(L)'
;MNTVPFTSAPIEVTIGIDQYSFNVKENQPFHGIKDIPIGHVHVIHFQHADNSSMRYGYWFDCRMGNFYIQYDPKDGLYKM
MEERDGAKFENIVHNFKERQMMVSYPKIDEDDTWYNLTEFVQMDKIRKIVRKDENQFSYVDSSMTTVQENELSSSSSDPA
HSLNYTVINFKSREAIRPGHEMEDFLDKSYYLNTVMLQGIFKNSSNYFGELQFAFLNAMFFGNYGSSLQWHAMIELICSS
ATVPKHMLDKLDEILYYQIKTLPEQYSDILLNERVWNICLYSSFQKNSLHNTEKIMENKYPELLGKDNEDDALIYGISDE
ERDDEDDEHNPTIVGGLYYQRP
;
A
2 'polypeptide(L)'
;GAMNSSNYAELFNNDIKLFVDDTNVYRVTVHKTFEGNVATKAINGCIFTLNPKTGHLFLKIIHTSVWAGQKRLSQLAKWK
TAEEVSALVRSLPKEEQPKQIIVTRKAMLDPLEVHMLDFPNIAIRPTELRLPFSAAMSIDKLSDVVMKATEPQMVLFNIY
DDWLDRISSYTAFSRLTLLLRALKTNEESAKMILLSDPTITIKSYHLWPSFTDEQWITIESQMRDLILTEYGRKYNVNIS
ALTQTEIKDIILGQNIKA
;
B
3 'polypeptide(L)'
;GAMSSKNEWRKSAIANTLLYLRLKNIYVSADDFVEEQNVYVLPKNLLKKFIEISDVKIQVAAFIYGMSAKDHPKVKEIKT
VVLVPQLGHVGSVQISNIPDIGDLPDTEGLELLGWIHTQTEELKFMAASEVATHSKLFADKKRDCIDISIFSTPGSVSLS
AYNLTDEGYQWGEENKDIMNVLSEGFEPTFSTHAQLLLSDRITGNFIIPSGNVWNYTFMGTAFNQEGDYNFKYGIPLEFY
NEMHRPVHFLQFSELAGDEELEAEQIDVFS
;
C
#
# COMPACT_ATOMS: atom_id res chain seq x y z
N MET A 1 47.61 18.83 35.37
N MET A 1 47.52 18.87 35.29
CA MET A 1 47.13 18.36 34.07
CA MET A 1 47.13 18.40 33.96
C MET A 1 47.93 17.13 33.63
C MET A 1 47.93 17.17 33.55
N ASN A 2 47.27 16.21 32.93
CA ASN A 2 47.89 14.94 32.57
C ASN A 2 48.69 14.98 31.28
N THR A 3 49.51 13.96 31.09
CA THR A 3 50.31 13.79 29.89
C THR A 3 50.11 12.36 29.39
N VAL A 4 49.93 12.20 28.09
CA VAL A 4 49.91 10.87 27.48
C VAL A 4 51.11 10.85 26.54
N PRO A 5 52.24 10.32 27.01
CA PRO A 5 53.43 10.32 26.16
C PRO A 5 53.34 9.26 25.06
N PHE A 6 53.94 9.57 23.91
CA PHE A 6 54.16 8.65 22.78
C PHE A 6 55.63 8.30 22.65
N THR A 7 55.90 7.04 22.34
CA THR A 7 57.29 6.62 22.14
C THR A 7 57.86 7.24 20.86
N SER A 8 57.04 7.30 19.82
CA SER A 8 57.44 7.81 18.52
C SER A 8 56.21 7.80 17.61
N ALA A 9 56.35 8.41 16.44
CA ALA A 9 55.30 8.44 15.44
C ALA A 9 55.85 7.96 14.08
N PRO A 10 56.08 6.64 13.93
CA PRO A 10 56.74 6.14 12.72
C PRO A 10 55.80 5.99 11.51
N ILE A 11 54.49 6.02 11.73
CA ILE A 11 53.51 6.00 10.64
C ILE A 11 52.72 7.30 10.65
N GLU A 12 52.56 7.92 9.49
CA GLU A 12 51.76 9.13 9.38
C GLU A 12 50.33 8.84 9.84
N VAL A 13 49.74 9.75 10.61
CA VAL A 13 48.44 9.48 11.24
C VAL A 13 47.72 10.77 11.60
N THR A 14 46.39 10.77 11.60
CA THR A 14 45.65 11.87 12.20
C THR A 14 45.25 11.46 13.61
N ILE A 15 45.69 12.21 14.62
CA ILE A 15 45.46 11.80 15.99
C ILE A 15 44.34 12.66 16.56
N GLY A 16 43.40 12.01 17.24
CA GLY A 16 42.31 12.71 17.91
C GLY A 16 42.45 12.54 19.41
N ILE A 17 42.15 13.61 20.13
CA ILE A 17 42.04 13.52 21.58
C ILE A 17 40.74 14.21 21.95
N ASP A 18 39.81 13.43 22.50
CA ASP A 18 38.46 13.92 22.72
C ASP A 18 38.00 14.58 21.42
N GLN A 19 37.54 15.82 21.48
CA GLN A 19 36.96 16.45 20.29
C GLN A 19 37.97 17.30 19.48
N TYR A 20 39.25 17.14 19.80
CA TYR A 20 40.30 17.86 19.09
C TYR A 20 41.22 16.90 18.31
N SER A 21 41.70 17.34 17.16
CA SER A 21 42.59 16.51 16.36
C SER A 21 43.71 17.27 15.64
N PHE A 22 44.75 16.53 15.28
CA PHE A 22 45.93 17.10 14.63
C PHE A 22 46.62 15.99 13.83
N ASN A 23 47.41 16.36 12.82
CA ASN A 23 48.15 15.39 12.00
C ASN A 23 49.60 15.28 12.44
N VAL A 24 50.18 14.09 12.39
CA VAL A 24 51.61 13.94 12.62
C VAL A 24 52.24 13.28 11.40
N LYS A 25 53.34 13.86 10.89
CA LYS A 25 54.01 13.32 9.71
C LYS A 25 54.76 12.05 10.03
N GLU A 26 55.03 11.28 8.98
CA GLU A 26 55.83 10.07 9.09
C GLU A 26 57.17 10.37 9.76
N ASN A 27 57.51 9.57 10.77
CA ASN A 27 58.75 9.70 11.53
C ASN A 27 59.09 11.10 12.04
N GLN A 28 58.10 11.99 12.02
CA GLN A 28 58.22 13.33 12.58
C GLN A 28 58.33 13.24 14.11
N PRO A 29 59.35 13.89 14.71
CA PRO A 29 59.59 13.83 16.16
C PRO A 29 58.36 14.19 16.98
N PHE A 30 57.94 13.25 17.82
CA PHE A 30 56.68 13.40 18.54
C PHE A 30 56.79 12.60 19.82
N HIS A 31 56.41 13.20 20.94
CA HIS A 31 56.41 12.48 22.19
C HIS A 31 55.10 12.52 22.98
N GLY A 32 54.00 12.92 22.33
CA GLY A 32 52.68 12.77 22.94
C GLY A 32 51.88 14.03 23.18
N ILE A 33 50.93 13.94 24.12
CA ILE A 33 49.97 15.01 24.39
C ILE A 33 50.04 15.46 25.85
N LYS A 34 50.13 16.78 26.04
CA LYS A 34 50.29 17.34 27.38
C LYS A 34 49.13 18.28 27.69
N ASP A 35 49.05 18.75 28.94
CA ASP A 35 48.03 19.71 29.40
C ASP A 35 46.59 19.20 29.27
N ILE A 36 46.44 17.90 29.49
CA ILE A 36 45.13 17.23 29.46
C ILE A 36 44.32 17.42 30.76
N PRO A 37 43.16 18.10 30.67
CA PRO A 37 42.33 18.35 31.84
C PRO A 37 42.03 17.05 32.60
N ILE A 38 42.10 17.08 33.91
CA ILE A 38 41.70 15.90 34.68
C ILE A 38 40.16 15.84 34.78
N GLY A 39 39.55 15.12 33.85
CA GLY A 39 38.10 15.05 33.81
C GLY A 39 37.59 13.79 34.47
N HIS A 40 37.04 12.89 33.68
CA HIS A 40 36.61 11.59 34.18
C HIS A 40 36.73 10.51 33.09
N VAL A 41 36.81 10.94 31.84
CA VAL A 41 37.05 10.02 30.76
C VAL A 41 37.61 10.74 29.54
N HIS A 42 38.53 10.08 28.85
CA HIS A 42 39.03 10.60 27.59
C HIS A 42 39.06 9.51 26.52
N VAL A 43 39.07 9.94 25.27
CA VAL A 43 39.31 9.04 24.16
C VAL A 43 40.45 9.58 23.32
N ILE A 44 41.36 8.69 22.94
CA ILE A 44 42.41 9.07 21.99
C ILE A 44 42.23 8.16 20.79
N HIS A 45 42.11 8.77 19.60
CA HIS A 45 41.78 8.00 18.41
C HIS A 45 42.71 8.29 17.24
N PHE A 46 42.73 7.34 16.30
CA PHE A 46 43.73 7.32 15.23
C PHE A 46 43.09 7.05 13.88
N GLN A 47 43.65 7.65 12.84
CA GLN A 47 43.36 7.23 11.46
C GLN A 47 44.60 7.42 10.58
N HIS A 48 45.14 6.31 10.11
CA HIS A 48 46.34 6.32 9.29
C HIS A 48 46.10 7.01 7.95
N ALA A 49 47.18 7.49 7.35
CA ALA A 49 47.12 8.23 6.10
C ALA A 49 46.63 7.35 4.95
N ASP A 50 47.04 6.10 4.98
CA ASP A 50 46.63 5.15 3.94
C ASP A 50 45.15 4.75 4.01
N ASN A 51 44.66 4.53 5.23
CA ASN A 51 43.34 3.96 5.46
C ASN A 51 42.19 4.95 5.35
N SER A 52 41.17 4.51 4.64
CA SER A 52 39.98 5.31 4.45
C SER A 52 38.86 4.70 5.28
N SER A 53 38.84 3.37 5.26
CA SER A 53 37.76 2.57 5.84
C SER A 53 37.99 2.20 7.32
N MET A 54 38.84 2.94 8.05
CA MET A 54 39.31 2.42 9.32
C MET A 54 39.81 3.42 10.40
N ARG A 55 39.00 3.56 11.45
CA ARG A 55 39.30 4.37 12.63
C ARG A 55 39.36 3.48 13.89
N TYR A 56 40.25 3.83 14.82
CA TYR A 56 40.38 3.06 16.07
C TYR A 56 40.90 3.89 17.24
N GLY A 57 40.73 3.42 18.48
CA GLY A 57 41.02 4.23 19.64
C GLY A 57 40.90 3.59 21.02
N TYR A 58 41.22 4.38 22.02
CA TYR A 58 41.24 3.92 23.41
C TYR A 58 40.53 4.91 24.34
N TRP A 59 39.56 4.40 25.09
CA TRP A 59 38.89 5.14 26.15
C TRP A 59 39.70 4.87 27.41
N PHE A 60 39.95 5.91 28.18
CA PHE A 60 40.83 5.81 29.35
C PHE A 60 40.51 6.91 30.35
N ASP A 61 40.89 6.67 31.60
CA ASP A 61 40.74 7.65 32.67
C ASP A 61 42.08 7.81 33.37
N CYS A 62 42.64 8.99 33.19
CA CYS A 62 43.98 9.30 33.64
C CYS A 62 44.16 9.29 35.18
N ARG A 63 43.06 9.33 35.93
CA ARG A 63 43.13 9.19 37.36
C ARG A 63 43.38 7.76 37.82
N MET A 64 43.32 6.82 36.87
N MET A 64 43.34 6.81 36.87
CA MET A 64 43.40 5.39 37.17
CA MET A 64 43.42 5.40 37.22
C MET A 64 44.81 4.81 37.03
C MET A 64 44.80 4.79 37.01
N GLY A 65 45.66 5.49 36.27
CA GLY A 65 47.00 4.97 36.03
C GLY A 65 47.81 5.77 35.02
N ASN A 66 49.02 5.28 34.74
CA ASN A 66 49.93 5.98 33.85
C ASN A 66 49.92 5.34 32.47
N PHE A 67 49.32 6.01 31.50
CA PHE A 67 49.11 5.43 30.17
C PHE A 67 49.94 6.12 29.11
N TYR A 68 50.42 5.34 28.15
CA TYR A 68 51.21 5.88 27.04
C TYR A 68 50.91 5.09 25.76
N ILE A 69 51.34 5.63 24.64
CA ILE A 69 51.08 5.02 23.35
C ILE A 69 52.40 4.58 22.72
N GLN A 70 52.41 3.38 22.14
CA GLN A 70 53.58 2.87 21.42
C GLN A 70 53.13 2.10 20.19
N TYR A 71 53.68 2.44 19.03
CA TYR A 71 53.34 1.76 17.78
C TYR A 71 53.82 0.31 17.73
N ASP A 72 52.93 -0.58 17.32
CA ASP A 72 53.26 -2.01 17.31
C ASP A 72 53.18 -2.54 15.89
N PRO A 73 54.34 -2.74 15.25
CA PRO A 73 54.43 -3.21 13.86
C PRO A 73 53.65 -4.50 13.61
N LYS A 74 53.70 -5.46 14.52
CA LYS A 74 52.96 -6.72 14.40
C LYS A 74 51.49 -6.53 14.00
N ASP A 75 50.80 -5.60 14.66
CA ASP A 75 49.39 -5.33 14.38
C ASP A 75 49.17 -4.12 13.48
N GLY A 76 50.23 -3.42 13.17
CA GLY A 76 50.10 -2.17 12.42
C GLY A 76 49.33 -1.09 13.18
N LEU A 77 49.22 -1.22 14.50
CA LEU A 77 48.47 -0.22 15.28
C LEU A 77 49.30 0.54 16.32
N TYR A 78 48.97 1.82 16.49
CA TYR A 78 49.24 2.52 17.73
C TYR A 78 48.52 1.82 18.87
N LYS A 79 49.28 1.42 19.89
CA LYS A 79 48.75 0.72 21.08
C LYS A 79 48.90 1.55 22.35
N MET A 80 47.85 1.59 23.16
CA MET A 80 47.94 2.17 24.50
C MET A 80 48.52 1.09 25.41
N MET A 81 49.32 1.50 26.38
CA MET A 81 49.85 0.59 27.39
C MET A 81 49.88 1.31 28.73
N GLU A 82 49.80 0.55 29.82
CA GLU A 82 49.98 1.13 31.15
C GLU A 82 51.45 0.93 31.61
N GLU A 83 52.10 2.01 32.01
CA GLU A 83 53.44 1.94 32.63
C GLU A 83 53.30 1.73 34.13
N ARG A 84 53.64 0.54 34.63
CA ARG A 84 53.48 0.27 36.07
C ARG A 84 54.66 0.76 36.94
N ASP A 85 55.71 1.27 36.31
CA ASP A 85 56.87 1.83 37.02
C ASP A 85 56.78 3.36 37.01
N GLY A 86 56.22 3.92 38.08
CA GLY A 86 55.99 5.35 38.19
C GLY A 86 57.25 6.16 37.93
N ALA A 87 58.36 5.70 38.51
CA ALA A 87 59.65 6.35 38.33
C ALA A 87 60.02 6.44 36.85
N LYS A 88 59.93 5.33 36.11
CA LYS A 88 60.18 5.37 34.68
C LYS A 88 59.19 6.29 33.95
N PHE A 89 57.93 6.24 34.33
CA PHE A 89 56.90 7.08 33.71
C PHE A 89 57.18 8.57 33.94
N GLU A 90 57.38 8.95 35.20
CA GLU A 90 57.53 10.35 35.56
C GLU A 90 58.77 10.91 34.89
N ASN A 91 59.77 10.05 34.76
CA ASN A 91 61.00 10.42 34.12
C ASN A 91 60.83 10.80 32.64
N ILE A 92 59.86 10.17 31.98
CA ILE A 92 59.56 10.47 30.58
C ILE A 92 58.67 11.71 30.44
N VAL A 93 57.62 11.75 31.27
CA VAL A 93 56.67 12.84 31.26
C VAL A 93 57.33 14.20 31.55
N HIS A 94 58.28 14.21 32.47
CA HIS A 94 58.85 15.48 32.95
C HIS A 94 60.19 15.83 32.29
N ASN A 95 60.48 15.17 31.16
CA ASN A 95 61.68 15.47 30.39
C ASN A 95 61.56 16.79 29.62
N PHE A 96 62.44 17.75 29.93
CA PHE A 96 62.35 19.10 29.37
C PHE A 96 62.29 19.08 27.85
N LYS A 97 63.27 18.41 27.23
CA LYS A 97 63.38 18.39 25.79
C LYS A 97 62.22 17.59 25.16
N GLU A 98 61.76 16.54 25.83
CA GLU A 98 60.66 15.77 25.23
C GLU A 98 59.32 16.52 25.28
N ARG A 99 59.06 17.23 26.37
CA ARG A 99 57.85 18.07 26.46
C ARG A 99 57.69 19.10 25.32
N GLN A 100 58.80 19.66 24.82
CA GLN A 100 58.71 20.60 23.69
C GLN A 100 58.27 19.90 22.40
N MET A 101 58.43 18.58 22.36
CA MET A 101 57.96 17.79 21.21
C MET A 101 56.55 17.18 21.43
N MET A 102 55.84 17.69 22.43
CA MET A 102 54.45 17.30 22.67
C MET A 102 53.49 18.39 22.20
N VAL A 103 52.26 18.01 21.88
CA VAL A 103 51.25 19.00 21.56
C VAL A 103 50.37 19.30 22.78
N SER A 104 49.88 20.53 22.84
CA SER A 104 49.08 20.96 23.98
C SER A 104 47.58 20.81 23.68
N TYR A 105 46.90 20.04 24.51
CA TYR A 105 45.45 19.96 24.51
C TYR A 105 44.92 21.39 24.62
N PRO A 106 44.14 21.81 23.62
CA PRO A 106 43.64 23.19 23.56
C PRO A 106 42.53 23.44 24.59
N LYS A 107 41.82 24.56 24.43
CA LYS A 107 40.68 24.88 25.27
C LYS A 107 39.97 26.13 24.77
N ILE A 108 38.65 26.14 24.90
CA ILE A 108 37.88 27.37 24.73
C ILE A 108 37.58 27.88 26.13
N ASP A 109 38.32 27.32 27.10
CA ASP A 109 38.30 27.75 28.49
C ASP A 109 36.94 27.62 29.20
N GLU A 110 35.90 28.19 28.60
CA GLU A 110 34.55 28.08 29.13
C GLU A 110 33.76 27.06 28.31
N ASP A 111 34.47 26.30 27.49
CA ASP A 111 33.87 25.23 26.71
C ASP A 111 33.61 24.02 27.60
N ASP A 112 32.34 23.67 27.77
CA ASP A 112 31.98 22.50 28.55
C ASP A 112 31.50 21.37 27.65
N THR A 113 31.82 21.44 26.36
CA THR A 113 31.28 20.50 25.37
C THR A 113 31.55 19.05 25.74
N TRP A 114 32.81 18.75 26.03
CA TRP A 114 33.20 17.38 26.32
C TRP A 114 32.41 16.82 27.51
N TYR A 115 32.29 17.62 28.57
CA TYR A 115 31.48 17.23 29.71
C TYR A 115 30.01 17.00 29.34
N ASN A 116 29.46 17.86 28.49
CA ASN A 116 28.06 17.75 28.11
C ASN A 116 27.82 16.44 27.38
N LEU A 117 28.83 15.98 26.65
CA LEU A 117 28.77 14.77 25.84
C LEU A 117 29.05 13.52 26.65
N THR A 118 29.71 13.70 27.80
CA THR A 118 30.17 12.53 28.59
C THR A 118 29.67 12.53 30.04
N GLU A 119 28.78 13.46 30.37
CA GLU A 119 28.27 13.58 31.74
C GLU A 119 27.92 12.25 32.43
N PHE A 120 27.31 11.34 31.70
CA PHE A 120 26.90 10.06 32.30
C PHE A 120 27.84 8.89 31.98
N VAL A 121 28.91 9.15 31.24
CA VAL A 121 29.81 8.09 30.82
C VAL A 121 30.87 7.84 31.88
N GLN A 122 30.96 6.60 32.37
CA GLN A 122 31.98 6.25 33.37
C GLN A 122 32.84 5.07 32.87
N MET A 123 34.12 5.02 33.25
CA MET A 123 35.01 3.96 32.79
CA MET A 123 35.03 3.95 32.81
C MET A 123 34.58 2.57 33.27
N ASP A 124 33.98 2.48 34.45
CA ASP A 124 33.54 1.18 34.92
C ASP A 124 32.39 0.61 34.06
N LYS A 125 31.58 1.51 33.48
CA LYS A 125 30.51 1.05 32.60
CA LYS A 125 30.48 1.14 32.58
C LYS A 125 31.08 0.75 31.23
N ILE A 126 32.07 1.52 30.80
CA ILE A 126 32.74 1.24 29.52
C ILE A 126 33.40 -0.13 29.57
N ARG A 127 33.97 -0.45 30.72
CA ARG A 127 34.71 -1.70 30.86
C ARG A 127 33.83 -2.93 30.96
N LYS A 128 32.52 -2.75 31.14
CA LYS A 128 31.59 -3.87 30.98
C LYS A 128 31.05 -4.00 29.53
N ILE A 129 31.10 -2.93 28.76
CA ILE A 129 30.74 -3.00 27.34
C ILE A 129 31.93 -3.53 26.49
N VAL A 130 33.14 -3.10 26.82
CA VAL A 130 34.35 -3.56 26.13
C VAL A 130 35.14 -4.46 27.10
N ARG A 131 35.05 -5.79 26.92
CA ARG A 131 35.54 -6.73 27.94
C ARG A 131 36.99 -7.22 27.77
N LYS A 132 37.92 -6.50 28.41
CA LYS A 132 39.33 -6.89 28.47
C LYS A 132 39.92 -6.50 29.84
N ASP A 133 39.63 -7.32 30.85
CA ASP A 133 39.92 -6.98 32.25
C ASP A 133 41.39 -6.77 32.58
N GLU A 134 42.30 -7.22 31.71
CA GLU A 134 43.71 -7.01 32.02
C GLU A 134 44.20 -5.57 31.80
N ASN A 135 43.42 -4.77 31.05
CA ASN A 135 43.74 -3.36 30.87
C ASN A 135 42.75 -2.46 31.59
N GLN A 136 43.22 -1.29 32.00
CA GLN A 136 42.34 -0.29 32.59
C GLN A 136 41.75 0.65 31.52
N PHE A 137 42.16 0.45 30.26
CA PHE A 137 41.72 1.29 29.14
C PHE A 137 41.03 0.38 28.10
N SER A 138 40.25 0.96 27.19
CA SER A 138 39.35 0.12 26.37
C SER A 138 39.50 0.40 24.89
N TYR A 139 39.80 -0.64 24.12
CA TYR A 139 39.99 -0.51 22.67
C TYR A 139 38.67 -0.61 21.89
N VAL A 140 38.40 0.38 21.04
CA VAL A 140 37.24 0.32 20.13
C VAL A 140 37.65 0.67 18.68
N ASP A 141 37.05 0.02 17.66
CA ASP A 141 37.28 0.44 16.26
C ASP A 141 36.04 0.47 15.33
N SER A 142 36.26 0.89 14.09
N SER A 142 36.23 0.92 14.10
CA SER A 142 35.22 1.06 13.09
CA SER A 142 35.15 1.03 13.10
C SER A 142 34.47 -0.23 12.71
C SER A 142 34.39 -0.27 12.93
N SER A 143 35.13 -1.37 12.92
CA SER A 143 34.58 -2.63 12.50
C SER A 143 33.99 -3.50 13.59
N MET A 144 34.27 -3.22 14.87
CA MET A 144 33.86 -4.15 15.93
C MET A 144 32.36 -4.47 15.91
N THR A 145 32.02 -5.73 16.13
CA THR A 145 30.64 -6.17 16.12
C THR A 145 30.01 -6.02 17.50
N THR A 146 28.70 -6.20 17.59
CA THR A 146 28.04 -6.17 18.88
C THR A 146 27.74 -7.58 19.35
N VAL A 147 27.53 -7.70 20.65
CA VAL A 147 27.16 -8.98 21.22
C VAL A 147 25.80 -9.40 20.69
N GLN A 148 24.94 -8.42 20.44
CA GLN A 148 23.59 -8.68 19.90
C GLN A 148 23.61 -9.44 18.57
N GLU A 149 24.51 -9.04 17.68
CA GLU A 149 24.50 -9.54 16.31
C GLU A 149 25.10 -10.92 16.19
N ASN A 150 25.72 -11.40 17.25
CA ASN A 150 26.38 -12.71 17.25
C ASN A 150 25.71 -13.75 18.14
N GLU A 151 24.56 -13.41 18.72
CA GLU A 151 23.86 -14.34 19.62
C GLU A 151 23.48 -15.66 18.92
N LEU A 152 23.00 -15.58 17.68
CA LEU A 152 22.60 -16.78 16.96
C LEU A 152 23.80 -17.62 16.48
N SER A 153 25.01 -17.06 16.57
CA SER A 153 26.21 -17.73 16.07
C SER A 153 26.82 -18.70 17.07
N SER A 154 27.06 -19.93 16.61
CA SER A 154 27.63 -20.98 17.45
C SER A 154 29.15 -20.81 17.59
N SER A 155 29.72 -19.94 16.77
CA SER A 155 31.16 -19.78 16.72
C SER A 155 31.76 -19.22 18.01
N SER A 156 33.02 -19.57 18.24
CA SER A 156 33.79 -19.02 19.34
C SER A 156 33.97 -17.53 19.09
N SER A 157 34.50 -16.82 20.09
CA SER A 157 34.72 -15.39 19.93
C SER A 157 35.74 -14.88 20.93
N ASP A 158 36.43 -13.81 20.58
CA ASP A 158 37.17 -13.04 21.56
C ASP A 158 36.22 -11.94 22.04
N PRO A 159 35.81 -11.99 23.32
CA PRO A 159 34.86 -11.04 23.89
C PRO A 159 35.36 -9.60 23.76
N ALA A 160 36.68 -9.40 23.84
CA ALA A 160 37.26 -8.06 23.74
C ALA A 160 37.01 -7.42 22.38
N HIS A 161 36.65 -8.24 21.40
N HIS A 161 36.66 -8.22 21.37
CA HIS A 161 36.39 -7.82 20.03
CA HIS A 161 36.38 -7.68 20.04
C HIS A 161 34.93 -7.43 19.75
C HIS A 161 34.91 -7.59 19.68
N SER A 162 34.04 -7.76 20.67
CA SER A 162 32.61 -7.43 20.52
C SER A 162 32.22 -6.31 21.47
N LEU A 163 31.40 -5.37 21.01
CA LEU A 163 30.80 -4.40 21.92
C LEU A 163 29.62 -5.05 22.62
N ASN A 164 29.72 -5.17 23.94
CA ASN A 164 28.67 -5.80 24.71
C ASN A 164 27.55 -4.80 25.12
N TYR A 165 26.92 -4.14 24.14
CA TYR A 165 25.82 -3.21 24.46
C TYR A 165 24.62 -3.95 25.03
N THR A 166 23.82 -3.26 25.85
CA THR A 166 22.58 -3.88 26.33
C THR A 166 21.70 -4.19 25.10
N VAL A 167 21.29 -5.46 24.97
CA VAL A 167 20.46 -5.92 23.83
C VAL A 167 19.04 -5.33 23.77
N ILE A 168 18.80 -4.51 22.76
CA ILE A 168 17.51 -3.84 22.54
C ILE A 168 17.03 -4.21 21.14
N ASN A 169 15.86 -4.86 21.07
CA ASN A 169 15.27 -5.35 19.83
C ASN A 169 13.75 -5.18 19.91
N PHE A 170 13.23 -4.25 19.11
CA PHE A 170 11.81 -3.92 19.13
C PHE A 170 10.93 -5.09 18.70
N LYS A 171 11.50 -6.05 17.99
CA LYS A 171 10.73 -7.19 17.54
C LYS A 171 11.32 -8.46 18.14
N SER A 172 11.17 -8.61 19.45
CA SER A 172 11.65 -9.79 20.17
C SER A 172 10.64 -10.12 21.26
N ARG A 173 10.74 -11.31 21.83
CA ARG A 173 9.86 -11.71 22.92
C ARG A 173 10.04 -10.80 24.16
N GLU A 174 11.28 -10.38 24.42
CA GLU A 174 11.58 -9.52 25.56
C GLU A 174 10.78 -8.21 25.49
N ALA A 175 10.60 -7.69 24.27
CA ALA A 175 9.93 -6.43 24.03
C ALA A 175 8.40 -6.54 23.93
N ILE A 176 7.88 -7.74 23.69
CA ILE A 176 6.46 -7.92 23.34
C ILE A 176 5.80 -8.96 24.23
N ARG A 177 4.92 -8.57 25.16
CA ARG A 177 4.20 -9.57 25.95
C ARG A 177 3.25 -10.39 25.04
N PRO A 178 3.23 -11.74 25.17
CA PRO A 178 2.32 -12.54 24.33
C PRO A 178 0.88 -12.14 24.60
N GLY A 179 0.13 -11.85 23.54
CA GLY A 179 -1.24 -11.39 23.63
C GLY A 179 -1.32 -9.87 23.53
N HIS A 180 -0.20 -9.16 23.69
CA HIS A 180 -0.19 -7.70 23.64
C HIS A 180 0.61 -7.14 22.46
N GLU A 181 0.57 -7.86 21.33
CA GLU A 181 1.37 -7.57 20.13
C GLU A 181 1.27 -6.16 19.59
N MET A 182 0.06 -5.76 19.20
CA MET A 182 -0.13 -4.39 18.72
C MET A 182 0.14 -3.31 19.78
N GLU A 183 -0.42 -3.52 20.98
CA GLU A 183 -0.24 -2.61 22.09
C GLU A 183 1.24 -2.31 22.39
N ASP A 184 2.01 -3.36 22.68
CA ASP A 184 3.42 -3.23 23.05
C ASP A 184 4.31 -2.74 21.91
N PHE A 185 3.97 -3.06 20.64
CA PHE A 185 4.77 -2.53 19.53
C PHE A 185 4.57 -1.03 19.27
N LEU A 186 3.34 -0.56 19.47
CA LEU A 186 3.00 0.83 19.25
C LEU A 186 3.33 1.70 20.48
N ASP A 187 3.33 1.10 21.65
CA ASP A 187 3.65 1.82 22.90
C ASP A 187 4.62 0.99 23.68
N LYS A 188 5.87 1.46 23.68
CA LYS A 188 6.97 0.69 24.24
C LYS A 188 7.21 0.83 25.75
N SER A 189 6.21 1.38 26.47
CA SER A 189 6.31 1.73 27.90
C SER A 189 6.63 0.54 28.78
N TYR A 190 6.00 -0.60 28.50
CA TYR A 190 6.33 -1.81 29.24
C TYR A 190 7.80 -2.22 29.02
N TYR A 191 8.27 -2.15 27.78
CA TYR A 191 9.65 -2.50 27.45
C TYR A 191 10.58 -1.51 28.13
N LEU A 192 10.32 -0.21 27.94
CA LEU A 192 11.15 0.82 28.57
C LEU A 192 11.20 0.68 30.11
N ASN A 193 10.03 0.61 30.76
CA ASN A 193 9.99 0.76 32.22
C ASN A 193 10.25 -0.54 32.98
N THR A 194 9.43 -1.56 32.72
CA THR A 194 9.56 -2.84 33.39
C THR A 194 10.82 -3.62 32.97
N VAL A 195 11.04 -3.77 31.66
CA VAL A 195 12.17 -4.58 31.22
C VAL A 195 13.53 -3.86 31.35
N MET A 196 13.63 -2.68 30.76
CA MET A 196 14.92 -1.97 30.65
C MET A 196 15.29 -1.17 31.91
N LEU A 197 14.46 -0.20 32.31
CA LEU A 197 14.79 0.63 33.46
C LEU A 197 14.81 -0.18 34.75
N GLN A 198 13.71 -0.86 35.06
CA GLN A 198 13.61 -1.58 36.33
C GLN A 198 14.44 -2.88 36.31
N GLY A 199 14.44 -3.60 35.21
CA GLY A 199 15.11 -4.89 35.17
C GLY A 199 16.61 -4.86 34.89
N ILE A 200 17.08 -3.95 34.03
CA ILE A 200 18.45 -4.02 33.53
C ILE A 200 19.31 -2.83 33.94
N PHE A 201 18.94 -1.63 33.51
CA PHE A 201 19.72 -0.44 33.84
C PHE A 201 19.63 0.02 35.30
N LYS A 202 18.49 -0.28 35.95
CA LYS A 202 18.21 0.14 37.34
C LYS A 202 17.90 1.62 37.51
N ASN A 203 18.58 2.47 36.74
CA ASN A 203 18.33 3.90 36.82
C ASN A 203 18.66 4.58 35.51
N SER A 204 18.22 5.82 35.39
CA SER A 204 18.29 6.55 34.14
C SER A 204 19.72 6.97 33.80
N SER A 205 20.57 7.09 34.82
CA SER A 205 21.94 7.50 34.59
C SER A 205 22.72 6.43 33.85
N ASN A 206 22.53 5.16 34.22
CA ASN A 206 23.16 4.06 33.49
C ASN A 206 22.64 4.03 32.07
N TYR A 207 21.35 4.33 31.94
CA TYR A 207 20.74 4.37 30.62
C TYR A 207 21.40 5.43 29.74
N PHE A 208 21.46 6.65 30.26
CA PHE A 208 22.00 7.77 29.52
C PHE A 208 23.51 7.62 29.26
N GLY A 209 24.22 6.90 30.14
CA GLY A 209 25.65 6.66 30.00
C GLY A 209 25.95 5.74 28.83
N GLU A 210 25.15 4.68 28.67
CA GLU A 210 25.29 3.80 27.51
C GLU A 210 24.91 4.51 26.21
N LEU A 211 23.79 5.24 26.22
CA LEU A 211 23.38 6.06 25.08
C LEU A 211 24.48 7.02 24.63
N GLN A 212 25.12 7.70 25.59
CA GLN A 212 26.18 8.67 25.26
C GLN A 212 27.43 7.99 24.69
N PHE A 213 27.82 6.88 25.31
CA PHE A 213 28.96 6.09 24.88
C PHE A 213 28.71 5.57 23.46
N ALA A 214 27.51 5.03 23.19
CA ALA A 214 27.14 4.57 21.85
C ALA A 214 27.25 5.68 20.82
N PHE A 215 26.73 6.87 21.14
CA PHE A 215 26.89 7.99 20.20
C PHE A 215 28.36 8.32 19.89
N LEU A 216 29.19 8.46 20.92
CA LEU A 216 30.56 8.86 20.68
C LEU A 216 31.33 7.79 19.85
N ASN A 217 31.05 6.51 20.11
CA ASN A 217 31.66 5.44 19.30
C ASN A 217 31.24 5.53 17.85
N ALA A 218 29.98 5.94 17.65
CA ALA A 218 29.46 6.07 16.29
C ALA A 218 30.16 7.24 15.60
N MET A 219 30.35 8.33 16.35
CA MET A 219 30.89 9.55 15.76
C MET A 219 32.41 9.46 15.50
N PHE A 220 33.17 8.97 16.48
CA PHE A 220 34.62 8.88 16.33
C PHE A 220 35.06 7.75 15.43
N PHE A 221 34.38 6.60 15.52
CA PHE A 221 34.82 5.44 14.75
C PHE A 221 33.92 5.01 13.60
N GLY A 222 32.75 5.63 13.47
CA GLY A 222 31.80 5.18 12.48
C GLY A 222 31.39 3.73 12.76
N ASN A 223 31.38 3.33 14.03
CA ASN A 223 30.93 1.98 14.35
C ASN A 223 29.41 1.80 14.17
N TYR A 224 29.02 0.82 13.36
CA TYR A 224 27.64 0.65 12.93
C TYR A 224 26.72 0.20 14.05
N GLY A 225 27.15 -0.79 14.83
CA GLY A 225 26.41 -1.25 15.99
C GLY A 225 26.14 -0.14 16.99
N SER A 226 27.09 0.79 17.11
CA SER A 226 27.01 1.88 18.09
C SER A 226 25.96 2.88 17.63
N SER A 227 25.93 3.11 16.32
CA SER A 227 24.89 3.93 15.70
C SER A 227 23.50 3.32 15.92
N LEU A 228 23.35 2.03 15.63
CA LEU A 228 22.08 1.35 15.87
C LEU A 228 21.62 1.49 17.32
N GLN A 229 22.55 1.28 18.26
CA GLN A 229 22.24 1.34 19.70
C GLN A 229 21.80 2.74 20.13
N TRP A 230 22.52 3.74 19.65
CA TRP A 230 22.21 5.13 19.97
C TRP A 230 20.77 5.41 19.49
N HIS A 231 20.50 5.14 18.22
CA HIS A 231 19.13 5.37 17.68
C HIS A 231 18.05 4.58 18.43
N ALA A 232 18.33 3.33 18.75
CA ALA A 232 17.37 2.49 19.43
C ALA A 232 17.02 3.04 20.84
N MET A 233 18.02 3.54 21.56
CA MET A 233 17.80 4.03 22.92
C MET A 233 16.99 5.33 22.91
N ILE A 234 17.18 6.12 21.85
CA ILE A 234 16.32 7.28 21.62
C ILE A 234 14.88 6.85 21.33
N GLU A 235 14.68 5.94 20.36
CA GLU A 235 13.32 5.53 19.96
C GLU A 235 12.54 4.89 21.13
N LEU A 236 13.25 4.16 21.99
CA LEU A 236 12.63 3.43 23.08
C LEU A 236 11.95 4.41 24.05
N ILE A 237 12.57 5.55 24.26
CA ILE A 237 11.98 6.60 25.09
C ILE A 237 10.88 7.34 24.33
N CYS A 238 11.15 7.78 23.11
CA CYS A 238 10.16 8.61 22.41
C CYS A 238 8.85 7.88 22.13
N SER A 239 8.92 6.58 21.87
CA SER A 239 7.76 5.77 21.50
C SER A 239 7.11 5.03 22.67
N SER A 240 7.41 5.50 23.87
CA SER A 240 6.71 5.07 25.08
C SER A 240 5.82 6.22 25.55
N ALA A 241 4.54 5.93 25.84
CA ALA A 241 3.65 6.96 26.35
C ALA A 241 3.93 7.35 27.80
N THR A 242 4.58 6.44 28.55
CA THR A 242 4.88 6.61 29.95
C THR A 242 6.38 6.65 30.14
N VAL A 243 6.91 7.82 30.48
CA VAL A 243 8.36 7.97 30.71
C VAL A 243 8.58 8.77 32.00
N PRO A 244 9.47 8.28 32.89
CA PRO A 244 9.75 9.03 34.13
C PRO A 244 10.11 10.47 33.80
N LYS A 245 9.45 11.43 34.45
CA LYS A 245 9.64 12.82 34.08
C LYS A 245 11.09 13.32 34.09
N HIS A 246 11.86 12.86 35.05
CA HIS A 246 13.25 13.34 35.17
C HIS A 246 14.13 12.87 33.98
N MET A 247 13.77 11.74 33.37
CA MET A 247 14.47 11.29 32.16
C MET A 247 14.10 12.15 30.97
N LEU A 248 12.83 12.45 30.87
CA LEU A 248 12.30 13.14 29.71
C LEU A 248 12.94 14.49 29.57
N ASP A 249 12.99 15.20 30.69
CA ASP A 249 13.50 16.54 30.71
C ASP A 249 14.99 16.61 30.41
N LYS A 250 15.72 15.54 30.72
CA LYS A 250 17.16 15.52 30.47
C LYS A 250 17.51 15.11 29.01
N LEU A 251 16.59 14.39 28.35
CA LEU A 251 16.83 13.88 27.01
C LEU A 251 17.17 14.96 25.97
N ASP A 252 16.37 16.01 25.89
CA ASP A 252 16.52 17.09 24.88
C ASP A 252 17.93 17.69 24.91
N GLU A 253 18.37 17.96 26.12
CA GLU A 253 19.69 18.49 26.39
C GLU A 253 20.76 17.55 25.83
N ILE A 254 20.68 16.28 26.22
CA ILE A 254 21.64 15.27 25.79
C ILE A 254 21.82 15.21 24.27
N LEU A 255 20.72 15.12 23.56
CA LEU A 255 20.68 15.02 22.10
C LEU A 255 21.14 16.30 21.41
N TYR A 256 20.77 17.45 21.99
CA TYR A 256 21.15 18.74 21.43
C TYR A 256 22.67 18.86 21.26
N TYR A 257 23.38 18.60 22.35
CA TYR A 257 24.83 18.58 22.31
C TYR A 257 25.42 17.55 21.32
N GLN A 258 24.77 16.40 21.14
CA GLN A 258 25.31 15.41 20.22
C GLN A 258 25.13 15.87 18.77
N ILE A 259 23.93 16.32 18.42
CA ILE A 259 23.64 16.88 17.10
C ILE A 259 24.53 18.09 16.79
N LYS A 260 24.68 18.99 17.78
CA LYS A 260 25.48 20.19 17.63
C LYS A 260 26.91 19.88 17.27
N THR A 261 27.46 18.85 17.88
CA THR A 261 28.85 18.50 17.66
C THR A 261 29.15 17.71 16.37
N LEU A 262 28.17 17.02 15.80
CA LEU A 262 28.43 16.27 14.56
C LEU A 262 28.91 17.17 13.44
N PRO A 263 29.83 16.67 12.61
CA PRO A 263 30.25 17.31 11.36
C PRO A 263 29.17 17.18 10.28
N GLU A 264 29.43 17.64 9.07
CA GLU A 264 28.43 17.58 7.98
C GLU A 264 28.63 16.44 6.97
N GLN A 265 29.81 15.81 7.01
CA GLN A 265 30.20 14.83 5.98
C GLN A 265 29.81 13.37 6.27
N TYR A 266 30.24 12.84 7.41
CA TYR A 266 30.00 11.44 7.76
C TYR A 266 28.60 11.29 8.36
N SER A 267 28.07 12.40 8.87
CA SER A 267 26.78 12.42 9.56
C SER A 267 25.60 11.84 8.77
N ASP A 268 25.61 12.02 7.45
CA ASP A 268 24.48 11.58 6.62
C ASP A 268 24.41 10.05 6.54
N ILE A 269 25.56 9.41 6.73
CA ILE A 269 25.65 7.97 6.90
C ILE A 269 25.18 7.63 8.31
N LEU A 270 25.44 8.55 9.23
CA LEU A 270 25.25 8.36 10.66
C LEU A 270 23.79 8.54 11.14
N LEU A 271 23.14 9.62 10.74
CA LEU A 271 21.77 9.87 11.16
C LEU A 271 20.80 8.94 10.41
N ASN A 272 19.88 8.34 11.16
CA ASN A 272 18.83 7.51 10.55
C ASN A 272 17.55 8.30 10.32
N GLU A 273 17.22 8.52 9.05
CA GLU A 273 16.09 9.38 8.68
C GLU A 273 14.73 8.89 9.21
N ARG A 274 14.48 7.59 9.14
CA ARG A 274 13.22 7.04 9.60
C ARG A 274 13.06 7.30 11.10
N VAL A 275 14.09 6.95 11.87
CA VAL A 275 13.99 7.02 13.31
C VAL A 275 13.80 8.47 13.77
N TRP A 276 14.59 9.37 13.22
CA TRP A 276 14.51 10.79 13.58
C TRP A 276 13.19 11.47 13.20
N ASN A 277 12.64 11.12 12.05
CA ASN A 277 11.36 11.74 11.70
C ASN A 277 10.26 11.31 12.64
N ILE A 278 10.24 10.02 12.98
CA ILE A 278 9.34 9.50 13.99
C ILE A 278 9.57 10.22 15.34
N CYS A 279 10.81 10.22 15.83
CA CYS A 279 11.09 10.81 17.13
C CYS A 279 10.69 12.26 17.22
N LEU A 280 10.99 13.03 16.18
CA LEU A 280 10.79 14.48 16.21
C LEU A 280 9.38 14.92 15.82
N TYR A 281 8.69 14.14 14.99
CA TYR A 281 7.45 14.61 14.37
C TYR A 281 6.18 13.77 14.61
N SER A 282 6.29 12.52 15.04
CA SER A 282 5.07 11.78 15.37
C SER A 282 5.03 10.98 16.72
N SER A 283 6.17 10.80 17.38
CA SER A 283 6.20 9.99 18.61
C SER A 283 5.44 10.64 19.77
N PHE A 284 5.09 9.83 20.78
CA PHE A 284 4.44 10.33 21.98
C PHE A 284 5.18 11.50 22.63
N GLN A 285 6.51 11.43 22.68
CA GLN A 285 7.26 12.40 23.45
C GLN A 285 7.91 13.50 22.61
N LYS A 286 7.47 13.64 21.37
CA LYS A 286 8.06 14.61 20.44
C LYS A 286 8.16 16.05 20.98
N ASN A 287 7.18 16.48 21.77
CA ASN A 287 7.24 17.84 22.32
C ASN A 287 8.32 18.03 23.40
N SER A 288 9.01 16.95 23.77
CA SER A 288 10.09 17.08 24.73
C SER A 288 11.44 17.30 24.05
N LEU A 289 11.41 17.43 22.72
CA LEU A 289 12.64 17.58 21.95
C LEU A 289 12.74 18.91 21.18
N HIS A 290 12.40 20.02 21.82
CA HIS A 290 12.34 21.31 21.11
C HIS A 290 13.70 21.79 20.64
N ASN A 291 14.68 21.82 21.54
CA ASN A 291 16.03 22.23 21.18
C ASN A 291 16.60 21.33 20.08
N THR A 292 16.41 20.03 20.25
CA THR A 292 16.99 19.04 19.33
C THR A 292 16.38 19.16 17.94
N GLU A 293 15.06 19.32 17.91
CA GLU A 293 14.38 19.48 16.64
C GLU A 293 14.83 20.76 15.94
N LYS A 294 15.04 21.81 16.71
CA LYS A 294 15.44 23.09 16.15
C LYS A 294 16.83 23.03 15.49
N ILE A 295 17.80 22.37 16.14
CA ILE A 295 19.14 22.27 15.58
C ILE A 295 19.21 21.29 14.42
N MET A 296 18.31 20.30 14.42
CA MET A 296 18.17 19.35 13.31
C MET A 296 17.69 20.02 12.04
N GLU A 297 16.83 21.02 12.18
CA GLU A 297 16.33 21.78 11.04
C GLU A 297 17.43 22.72 10.52
N ASN A 298 18.12 23.41 11.41
CA ASN A 298 19.17 24.33 11.01
CA ASN A 298 19.18 24.33 11.02
C ASN A 298 20.37 23.62 10.38
N LYS A 299 20.89 22.61 11.08
CA LYS A 299 22.08 21.89 10.63
C LYS A 299 21.82 20.92 9.47
N TYR A 300 20.73 20.17 9.52
CA TYR A 300 20.45 19.18 8.47
C TYR A 300 19.01 19.23 7.94
N PRO A 301 18.64 20.36 7.31
CA PRO A 301 17.26 20.54 6.82
C PRO A 301 16.84 19.52 5.77
N GLU A 302 17.80 18.98 5.02
CA GLU A 302 17.49 18.07 3.92
C GLU A 302 17.13 16.67 4.41
N LEU A 303 17.47 16.35 5.65
CA LEU A 303 17.21 15.02 6.18
C LEU A 303 15.71 14.84 6.47
N LEU A 304 15.05 15.91 6.87
CA LEU A 304 13.67 15.86 7.33
C LEU A 304 12.68 16.11 6.20
N ASP A 326 3.17 1.82 -2.91
CA ASP A 326 1.76 2.14 -3.09
C ASP A 326 1.08 2.47 -1.76
N ASP A 327 -0.25 2.60 -1.78
CA ASP A 327 -0.96 3.13 -0.62
C ASP A 327 -1.55 2.08 0.30
N GLU A 328 -0.74 1.64 1.26
CA GLU A 328 -1.13 0.65 2.25
C GLU A 328 -1.89 1.29 3.42
N HIS A 329 -1.83 2.62 3.52
CA HIS A 329 -2.37 3.34 4.67
C HIS A 329 -3.78 3.90 4.43
N ASN A 330 -4.36 3.53 3.29
CA ASN A 330 -5.75 3.84 2.96
C ASN A 330 -6.48 2.56 2.57
N PRO A 331 -7.82 2.56 2.64
CA PRO A 331 -8.52 1.33 2.23
C PRO A 331 -8.42 1.09 0.75
N THR A 332 -8.70 -0.13 0.32
CA THR A 332 -8.73 -0.42 -1.09
C THR A 332 -10.07 0.01 -1.62
N ILE A 333 -10.08 0.76 -2.71
CA ILE A 333 -11.35 1.24 -3.24
C ILE A 333 -11.91 0.32 -4.34
N VAL A 334 -13.03 -0.32 -4.04
CA VAL A 334 -13.62 -1.29 -4.95
C VAL A 334 -14.31 -0.60 -6.14
N GLY A 335 -14.97 0.52 -5.85
CA GLY A 335 -15.61 1.34 -6.86
C GLY A 335 -16.43 2.41 -6.18
N GLY A 336 -17.17 3.20 -6.93
CA GLY A 336 -18.01 4.20 -6.31
C GLY A 336 -19.12 4.79 -7.14
N LEU A 337 -19.78 5.80 -6.57
CA LEU A 337 -20.75 6.64 -7.26
C LEU A 337 -20.27 8.10 -7.20
N TYR A 338 -20.19 8.77 -8.34
CA TYR A 338 -19.58 10.08 -8.42
C TYR A 338 -20.45 11.15 -9.08
N TYR A 339 -20.86 12.15 -8.30
CA TYR A 339 -21.61 13.27 -8.87
C TYR A 339 -20.62 14.35 -9.26
N GLN A 340 -20.56 14.68 -10.54
CA GLN A 340 -19.57 15.64 -10.99
C GLN A 340 -19.96 16.22 -12.33
N ARG A 341 -19.38 17.37 -12.66
CA ARG A 341 -19.61 17.98 -13.97
C ARG A 341 -19.10 17.08 -15.07
N PRO A 342 -19.89 16.91 -16.14
CA PRO A 342 -19.46 16.08 -17.28
C PRO A 342 -18.25 16.70 -17.97
N ALA B 2 14.69 -9.85 1.07
CA ALA B 2 13.70 -9.29 0.15
C ALA B 2 13.65 -10.05 -1.17
N MET B 3 12.46 -10.51 -1.56
CA MET B 3 12.37 -11.25 -2.81
C MET B 3 12.26 -10.34 -4.03
N ASN B 4 13.13 -10.58 -5.01
CA ASN B 4 13.04 -9.89 -6.30
C ASN B 4 13.18 -10.89 -7.47
N SER B 5 13.07 -10.37 -8.69
CA SER B 5 13.08 -11.20 -9.89
C SER B 5 14.36 -12.01 -10.11
N SER B 6 15.31 -11.90 -9.19
CA SER B 6 16.55 -12.69 -9.26
C SER B 6 16.44 -13.96 -8.42
N ASN B 7 16.47 -13.79 -7.09
CA ASN B 7 16.28 -14.89 -6.15
C ASN B 7 14.86 -15.46 -6.19
N TYR B 8 14.15 -15.08 -7.25
CA TYR B 8 12.77 -15.44 -7.52
C TYR B 8 12.61 -16.95 -7.77
N ALA B 9 13.61 -17.55 -8.39
CA ALA B 9 13.62 -18.98 -8.66
C ALA B 9 13.39 -19.78 -7.39
N GLU B 10 14.13 -19.40 -6.34
CA GLU B 10 14.14 -20.03 -5.01
C GLU B 10 12.76 -20.39 -4.46
N LEU B 11 11.74 -19.66 -4.91
CA LEU B 11 10.37 -19.95 -4.59
C LEU B 11 9.98 -21.40 -4.83
N PHE B 12 10.60 -22.03 -5.83
CA PHE B 12 10.13 -23.34 -6.28
C PHE B 12 10.96 -24.52 -5.76
N ASN B 13 11.88 -24.23 -4.83
CA ASN B 13 12.65 -25.30 -4.18
C ASN B 13 11.79 -26.07 -3.20
N ASN B 14 12.38 -26.80 -2.26
CA ASN B 14 11.53 -27.69 -1.49
C ASN B 14 11.06 -27.16 -0.14
N ASP B 15 11.54 -25.99 0.24
CA ASP B 15 11.07 -25.31 1.44
C ASP B 15 9.63 -24.78 1.25
N ILE B 16 8.74 -25.14 2.16
CA ILE B 16 7.38 -24.63 2.14
C ILE B 16 7.41 -23.13 2.38
N LYS B 17 6.75 -22.39 1.49
CA LYS B 17 6.60 -20.94 1.63
C LYS B 17 5.17 -20.49 1.31
N LEU B 18 4.77 -19.39 1.93
CA LEU B 18 3.47 -18.77 1.71
C LEU B 18 3.65 -17.29 1.33
N PHE B 19 2.91 -16.86 0.33
CA PHE B 19 2.75 -15.45 0.06
C PHE B 19 1.52 -14.99 0.84
N VAL B 20 1.58 -13.78 1.38
CA VAL B 20 0.42 -13.15 2.04
C VAL B 20 0.15 -11.81 1.40
N ASP B 21 -1.05 -11.65 0.85
CA ASP B 21 -1.51 -10.38 0.31
C ASP B 21 -2.71 -9.91 1.17
N ASP B 22 -2.56 -8.73 1.77
CA ASP B 22 -3.59 -8.09 2.59
C ASP B 22 -4.32 -6.95 1.85
N THR B 23 -4.07 -6.84 0.54
CA THR B 23 -4.69 -5.76 -0.26
C THR B 23 -6.21 -5.68 -0.16
N ASN B 24 -6.86 -6.83 -0.19
CA ASN B 24 -8.31 -6.90 -0.13
C ASN B 24 -8.93 -7.12 1.26
N VAL B 25 -8.17 -6.83 2.31
CA VAL B 25 -8.64 -7.05 3.66
C VAL B 25 -9.60 -5.93 4.05
N TYR B 26 -9.15 -4.69 3.89
CA TYR B 26 -9.96 -3.51 4.19
C TYR B 26 -10.40 -2.83 2.89
N ARG B 27 -11.64 -3.09 2.47
CA ARG B 27 -12.14 -2.65 1.15
C ARG B 27 -13.39 -1.78 1.32
N VAL B 28 -13.53 -0.75 0.49
CA VAL B 28 -14.72 0.11 0.58
C VAL B 28 -15.26 0.47 -0.79
N THR B 29 -16.53 0.86 -0.83
CA THR B 29 -17.12 1.63 -1.93
C THR B 29 -17.25 3.10 -1.51
N VAL B 30 -17.24 3.99 -2.49
CA VAL B 30 -17.18 5.42 -2.26
C VAL B 30 -18.44 6.13 -2.79
N HIS B 31 -18.93 7.11 -2.03
CA HIS B 31 -19.97 8.02 -2.51
C HIS B 31 -19.42 9.46 -2.43
N LYS B 32 -19.34 10.12 -3.58
CA LYS B 32 -18.81 11.48 -3.64
C LYS B 32 -19.87 12.45 -4.14
N THR B 33 -20.31 13.38 -3.30
CA THR B 33 -21.30 14.37 -3.74
C THR B 33 -20.67 15.39 -4.68
N PHE B 34 -21.50 16.21 -5.33
CA PHE B 34 -20.97 17.21 -6.23
C PHE B 34 -20.14 18.26 -5.49
N GLU B 35 -20.42 18.41 -4.20
CA GLU B 35 -19.71 19.38 -3.37
C GLU B 35 -18.28 18.96 -3.18
N GLY B 36 -18.06 17.65 -3.02
CA GLY B 36 -16.73 17.10 -2.82
C GLY B 36 -16.66 16.26 -1.56
N ASN B 37 -17.78 16.14 -0.86
CA ASN B 37 -17.85 15.32 0.34
CA ASN B 37 -17.87 15.32 0.34
C ASN B 37 -17.83 13.83 -0.01
N VAL B 38 -16.94 13.09 0.63
CA VAL B 38 -16.71 11.69 0.31
C VAL B 38 -17.02 10.78 1.49
N ALA B 39 -17.95 9.86 1.30
CA ALA B 39 -18.28 8.86 2.31
C ALA B 39 -17.86 7.47 1.82
N THR B 40 -17.27 6.68 2.71
CA THR B 40 -16.94 5.29 2.40
C THR B 40 -17.86 4.31 3.13
N LYS B 41 -18.08 3.16 2.52
CA LYS B 41 -18.75 2.07 3.21
C LYS B 41 -17.92 0.79 2.99
N ALA B 42 -17.62 0.10 4.08
CA ALA B 42 -16.84 -1.12 4.03
C ALA B 42 -17.65 -2.27 3.47
N ILE B 43 -17.02 -3.08 2.63
CA ILE B 43 -17.59 -4.34 2.25
C ILE B 43 -16.68 -5.50 2.70
N ASN B 44 -17.21 -6.72 2.69
CA ASN B 44 -16.46 -7.93 2.99
C ASN B 44 -15.10 -8.01 2.26
N GLY B 45 -14.07 -8.43 2.99
CA GLY B 45 -12.74 -8.52 2.43
C GLY B 45 -12.16 -9.90 2.65
N CYS B 46 -10.88 -10.07 2.28
CA CYS B 46 -10.19 -11.33 2.51
C CYS B 46 -8.66 -11.20 2.59
N ILE B 47 -8.05 -12.07 3.38
CA ILE B 47 -6.62 -12.32 3.35
C ILE B 47 -6.37 -13.42 2.30
N PHE B 48 -5.45 -13.16 1.38
CA PHE B 48 -5.06 -14.10 0.33
C PHE B 48 -3.70 -14.72 0.75
N THR B 49 -3.72 -15.97 1.18
CA THR B 49 -2.49 -16.64 1.63
C THR B 49 -2.26 -17.86 0.71
N LEU B 50 -1.19 -17.79 -0.07
CA LEU B 50 -0.98 -18.76 -1.13
C LEU B 50 0.35 -19.52 -1.00
N ASN B 51 0.29 -20.83 -1.22
CA ASN B 51 1.50 -21.64 -1.36
C ASN B 51 1.72 -21.78 -2.85
N PRO B 52 2.77 -21.13 -3.39
CA PRO B 52 3.01 -21.00 -4.83
C PRO B 52 3.52 -22.30 -5.46
N LYS B 53 3.96 -23.21 -4.60
CA LYS B 53 4.46 -24.50 -5.05
CA LYS B 53 4.43 -24.48 -5.08
C LYS B 53 3.28 -25.45 -5.30
N THR B 54 2.35 -25.52 -4.35
CA THR B 54 1.21 -26.45 -4.48
C THR B 54 -0.06 -25.80 -5.03
N GLY B 55 -0.10 -24.48 -5.10
CA GLY B 55 -1.34 -23.80 -5.46
C GLY B 55 -2.41 -23.73 -4.38
N HIS B 56 -2.18 -24.30 -3.20
CA HIS B 56 -3.18 -24.23 -2.14
CA HIS B 56 -3.18 -24.24 -2.13
C HIS B 56 -3.41 -22.80 -1.64
N LEU B 57 -4.66 -22.38 -1.64
CA LEU B 57 -5.01 -21.02 -1.26
C LEU B 57 -5.83 -21.09 0.03
N PHE B 58 -5.35 -20.41 1.05
CA PHE B 58 -6.14 -20.21 2.28
C PHE B 58 -6.76 -18.84 2.20
N LEU B 59 -8.06 -18.79 1.92
CA LEU B 59 -8.73 -17.49 1.75
C LEU B 59 -9.51 -17.20 3.02
N LYS B 60 -9.01 -16.27 3.82
CA LYS B 60 -9.70 -16.00 5.07
C LYS B 60 -10.60 -14.80 4.90
N ILE B 61 -11.90 -15.03 5.00
CA ILE B 61 -12.85 -13.97 4.70
C ILE B 61 -13.00 -13.06 5.92
N ILE B 62 -12.89 -11.76 5.69
CA ILE B 62 -12.98 -10.76 6.74
C ILE B 62 -14.36 -10.06 6.64
N HIS B 63 -15.30 -10.46 7.48
CA HIS B 63 -16.65 -9.89 7.48
C HIS B 63 -16.64 -8.44 8.00
N THR B 64 -17.47 -7.58 7.42
CA THR B 64 -17.54 -6.17 7.86
C THR B 64 -17.74 -5.95 9.35
N SER B 65 -18.34 -6.90 10.05
CA SER B 65 -18.59 -6.76 11.49
C SER B 65 -17.29 -6.53 12.28
N VAL B 66 -16.20 -7.08 11.76
CA VAL B 66 -14.85 -6.88 12.33
C VAL B 66 -14.51 -5.41 12.52
N TRP B 67 -14.98 -4.54 11.63
CA TRP B 67 -14.67 -3.12 11.76
C TRP B 67 -15.61 -2.33 12.72
N ALA B 68 -16.72 -2.95 13.13
CA ALA B 68 -17.72 -2.26 13.96
C ALA B 68 -17.20 -1.70 15.29
N GLY B 69 -17.25 -0.38 15.42
CA GLY B 69 -16.87 0.26 16.66
C GLY B 69 -15.38 0.51 16.80
N GLN B 70 -14.63 0.30 15.71
CA GLN B 70 -13.18 0.42 15.80
C GLN B 70 -12.67 1.71 15.17
N LYS B 71 -11.45 2.07 15.52
CA LYS B 71 -10.80 3.25 14.96
C LYS B 71 -9.49 2.87 14.30
N ARG B 72 -8.99 3.78 13.47
N ARG B 72 -8.97 3.78 13.48
CA ARG B 72 -7.75 3.58 12.73
CA ARG B 72 -7.73 3.56 12.74
C ARG B 72 -7.77 2.25 11.98
C ARG B 72 -7.77 2.24 11.98
N LEU B 73 -8.84 2.07 11.19
CA LEU B 73 -9.08 0.85 10.44
C LEU B 73 -7.94 0.37 9.52
N SER B 74 -7.25 1.28 8.85
CA SER B 74 -6.12 0.84 8.01
C SER B 74 -4.99 0.22 8.86
N GLN B 75 -4.69 0.83 9.99
CA GLN B 75 -3.69 0.28 10.87
CA GLN B 75 -3.71 0.29 10.92
C GLN B 75 -4.21 -1.04 11.43
N LEU B 76 -5.42 -1.02 11.98
CA LEU B 76 -6.04 -2.23 12.50
C LEU B 76 -6.02 -3.41 11.52
N ALA B 77 -6.31 -3.12 10.26
CA ALA B 77 -6.40 -4.16 9.24
C ALA B 77 -5.09 -4.98 9.11
N LYS B 78 -3.93 -4.31 9.24
CA LYS B 78 -2.64 -4.97 9.16
C LYS B 78 -2.41 -5.89 10.35
N TRP B 79 -2.74 -5.42 11.54
CA TRP B 79 -2.59 -6.21 12.76
C TRP B 79 -3.55 -7.40 12.77
N LYS B 80 -4.78 -7.19 12.32
CA LYS B 80 -5.73 -8.29 12.19
C LYS B 80 -5.24 -9.36 11.17
N THR B 81 -4.71 -8.92 10.04
CA THR B 81 -4.16 -9.84 9.04
C THR B 81 -3.07 -10.67 9.71
N ALA B 82 -2.14 -9.99 10.41
CA ALA B 82 -1.09 -10.69 11.16
C ALA B 82 -1.59 -11.73 12.16
N GLU B 83 -2.58 -11.40 13.02
CA GLU B 83 -3.19 -12.42 13.92
C GLU B 83 -3.75 -13.63 13.16
N GLU B 84 -4.45 -13.37 12.06
CA GLU B 84 -5.05 -14.47 11.30
C GLU B 84 -4.00 -15.39 10.67
N VAL B 85 -2.95 -14.80 10.10
CA VAL B 85 -1.91 -15.60 9.46
C VAL B 85 -1.16 -16.46 10.54
N SER B 86 -0.82 -15.82 11.65
N SER B 86 -0.85 -15.83 11.66
CA SER B 86 -0.25 -16.49 12.82
CA SER B 86 -0.26 -16.50 12.81
C SER B 86 -1.16 -17.65 13.27
C SER B 86 -1.15 -17.64 13.31
N ALA B 87 -2.46 -17.40 13.36
CA ALA B 87 -3.39 -18.44 13.83
C ALA B 87 -3.39 -19.60 12.85
N LEU B 88 -3.31 -19.28 11.58
CA LEU B 88 -3.29 -20.31 10.53
C LEU B 88 -2.06 -21.20 10.63
N VAL B 89 -0.90 -20.55 10.77
CA VAL B 89 0.35 -21.29 10.88
C VAL B 89 0.27 -22.24 12.10
N ARG B 90 -0.31 -21.76 13.20
CA ARG B 90 -0.30 -22.56 14.43
C ARG B 90 -1.26 -23.74 14.33
N SER B 91 -2.26 -23.62 13.46
CA SER B 91 -3.23 -24.70 13.26
C SER B 91 -2.63 -25.86 12.45
N LEU B 92 -1.53 -25.62 11.74
CA LEU B 92 -0.93 -26.65 10.87
C LEU B 92 0.01 -27.57 11.65
N PRO B 93 0.09 -28.84 11.22
CA PRO B 93 1.12 -29.78 11.71
C PRO B 93 2.49 -29.15 11.51
N LYS B 94 3.45 -29.46 12.38
CA LYS B 94 4.75 -28.80 12.32
C LYS B 94 5.45 -29.00 10.97
N GLU B 95 5.27 -30.17 10.38
CA GLU B 95 5.98 -30.45 9.14
C GLU B 95 5.28 -29.77 7.96
N GLU B 96 4.12 -29.16 8.17
CA GLU B 96 3.49 -28.41 7.07
C GLU B 96 3.65 -26.89 7.22
N GLN B 97 4.21 -26.45 8.35
CA GLN B 97 4.41 -25.02 8.57
C GLN B 97 5.48 -24.48 7.63
N PRO B 98 5.30 -23.24 7.16
CA PRO B 98 6.29 -22.74 6.18
C PRO B 98 7.61 -22.39 6.86
N LYS B 99 8.67 -22.30 6.05
CA LYS B 99 9.97 -21.78 6.48
C LYS B 99 10.12 -20.32 6.12
N GLN B 100 9.28 -19.86 5.19
CA GLN B 100 9.28 -18.45 4.79
C GLN B 100 7.86 -17.98 4.55
N ILE B 101 7.60 -16.74 4.96
CA ILE B 101 6.36 -16.08 4.58
C ILE B 101 6.74 -14.76 3.92
N ILE B 102 6.25 -14.56 2.70
CA ILE B 102 6.61 -13.39 1.94
C ILE B 102 5.39 -12.47 1.82
N VAL B 103 5.55 -11.22 2.25
CA VAL B 103 4.42 -10.31 2.27
C VAL B 103 4.45 -9.45 1.04
N THR B 104 3.35 -9.35 0.32
CA THR B 104 3.35 -8.53 -0.88
C THR B 104 3.42 -7.02 -0.61
N ARG B 105 3.02 -6.58 0.58
CA ARG B 105 3.12 -5.15 0.91
C ARG B 105 3.98 -4.97 2.18
N LYS B 106 5.03 -4.15 2.05
CA LYS B 106 6.02 -3.93 3.10
C LYS B 106 5.42 -3.58 4.47
N ALA B 107 4.32 -2.85 4.46
CA ALA B 107 3.68 -2.42 5.69
C ALA B 107 3.20 -3.61 6.52
N MET B 108 3.12 -4.79 5.89
CA MET B 108 2.75 -6.00 6.60
C MET B 108 3.91 -6.63 7.35
N LEU B 109 5.14 -6.17 7.11
CA LEU B 109 6.33 -6.83 7.65
C LEU B 109 6.39 -6.86 9.19
N ASP B 110 6.39 -5.69 9.81
CA ASP B 110 6.42 -5.59 11.28
C ASP B 110 5.26 -6.29 12.02
N PRO B 111 4.01 -6.00 11.64
CA PRO B 111 2.90 -6.68 12.33
C PRO B 111 3.01 -8.18 12.30
N LEU B 112 3.37 -8.72 11.13
CA LEU B 112 3.47 -10.15 10.98
C LEU B 112 4.66 -10.71 11.73
N GLU B 113 5.81 -10.06 11.63
CA GLU B 113 6.96 -10.52 12.37
C GLU B 113 6.71 -10.48 13.90
N VAL B 114 6.00 -9.47 14.38
CA VAL B 114 5.68 -9.40 15.81
C VAL B 114 4.74 -10.56 16.23
N HIS B 115 3.72 -10.88 15.42
CA HIS B 115 2.85 -12.01 15.74
C HIS B 115 3.53 -13.36 15.63
N MET B 116 4.60 -13.46 14.83
CA MET B 116 5.27 -14.76 14.61
C MET B 116 6.50 -14.99 15.51
N LEU B 117 6.66 -14.15 16.54
CA LEU B 117 7.83 -14.24 17.41
C LEU B 117 7.98 -15.62 18.04
N ASP B 118 6.89 -16.38 18.17
CA ASP B 118 6.98 -17.74 18.72
C ASP B 118 7.70 -18.70 17.75
N PHE B 119 7.89 -18.28 16.50
CA PHE B 119 8.53 -19.13 15.50
C PHE B 119 9.79 -18.46 14.94
N PRO B 120 10.90 -18.47 15.71
CA PRO B 120 12.09 -17.75 15.28
C PRO B 120 12.72 -18.28 14.00
N ASN B 121 12.45 -19.55 13.64
CA ASN B 121 12.99 -20.07 12.40
C ASN B 121 12.12 -19.85 11.15
N ILE B 122 11.01 -19.15 11.28
CA ILE B 122 10.22 -18.80 10.09
C ILE B 122 10.61 -17.40 9.61
N ALA B 123 11.25 -17.30 8.45
CA ALA B 123 11.69 -15.99 7.96
C ALA B 123 10.52 -15.20 7.42
N ILE B 124 10.35 -13.96 7.85
CA ILE B 124 9.30 -13.10 7.28
C ILE B 124 9.99 -12.14 6.33
N ARG B 125 9.56 -12.08 5.07
CA ARG B 125 10.30 -11.34 4.06
C ARG B 125 9.42 -10.41 3.26
N PRO B 126 9.97 -9.25 2.87
CA PRO B 126 9.26 -8.42 1.91
C PRO B 126 9.67 -8.82 0.49
N THR B 127 9.14 -8.13 -0.51
CA THR B 127 9.45 -8.46 -1.88
C THR B 127 9.51 -7.18 -2.71
N GLU B 128 10.38 -7.16 -3.71
N GLU B 128 10.36 -7.16 -3.72
CA GLU B 128 10.45 -6.04 -4.63
CA GLU B 128 10.41 -6.01 -4.62
C GLU B 128 9.40 -6.20 -5.74
C GLU B 128 9.58 -6.27 -5.88
N LEU B 129 8.90 -7.42 -5.92
CA LEU B 129 7.90 -7.69 -6.97
C LEU B 129 6.59 -7.02 -6.61
N ARG B 130 5.85 -6.61 -7.61
CA ARG B 130 4.53 -6.04 -7.38
C ARG B 130 3.47 -7.00 -7.93
N LEU B 131 3.34 -8.13 -7.23
CA LEU B 131 2.50 -9.23 -7.67
C LEU B 131 1.03 -8.84 -7.84
N PRO B 132 0.32 -9.49 -8.78
CA PRO B 132 -1.04 -9.04 -9.09
C PRO B 132 -2.14 -9.75 -8.29
N PHE B 133 -1.89 -10.09 -7.03
CA PHE B 133 -2.85 -10.87 -6.25
C PHE B 133 -4.13 -10.08 -5.87
N SER B 134 -4.06 -8.76 -5.89
CA SER B 134 -5.26 -7.97 -5.65
C SER B 134 -6.39 -8.35 -6.62
N ALA B 135 -6.04 -8.82 -7.82
CA ALA B 135 -7.04 -9.12 -8.86
C ALA B 135 -7.79 -10.42 -8.57
N ALA B 136 -7.48 -11.04 -7.44
CA ALA B 136 -8.16 -12.27 -7.02
C ALA B 136 -9.67 -12.14 -6.93
N MET B 137 -10.15 -10.94 -6.59
CA MET B 137 -11.58 -10.67 -6.51
C MET B 137 -12.28 -10.55 -7.86
N SER B 138 -11.50 -10.58 -8.95
CA SER B 138 -12.02 -10.68 -10.30
C SER B 138 -12.19 -12.15 -10.71
N ILE B 139 -11.85 -13.07 -9.82
CA ILE B 139 -12.19 -14.48 -10.04
C ILE B 139 -13.58 -14.70 -9.43
N ASP B 140 -14.56 -14.97 -10.29
CA ASP B 140 -15.95 -15.09 -9.88
C ASP B 140 -16.21 -15.91 -8.63
N LYS B 141 -15.70 -17.14 -8.59
CA LYS B 141 -15.98 -18.00 -7.45
C LYS B 141 -15.42 -17.46 -6.13
N LEU B 142 -14.31 -16.73 -6.17
CA LEU B 142 -13.72 -16.14 -4.97
C LEU B 142 -14.50 -14.90 -4.53
N SER B 143 -14.86 -14.06 -5.51
CA SER B 143 -15.65 -12.86 -5.22
C SER B 143 -16.99 -13.28 -4.61
N ASP B 144 -17.54 -14.39 -5.12
CA ASP B 144 -18.86 -14.82 -4.67
C ASP B 144 -18.86 -15.29 -3.22
N VAL B 145 -17.90 -16.12 -2.85
CA VAL B 145 -17.88 -16.63 -1.50
C VAL B 145 -17.60 -15.49 -0.51
N VAL B 146 -16.72 -14.56 -0.90
CA VAL B 146 -16.43 -13.41 -0.06
C VAL B 146 -17.68 -12.54 0.15
N MET B 147 -18.40 -12.25 -0.93
CA MET B 147 -19.57 -11.36 -0.81
C MET B 147 -20.77 -12.01 -0.11
N LYS B 148 -20.88 -13.33 -0.13
CA LYS B 148 -22.06 -13.96 0.48
C LYS B 148 -21.87 -14.25 1.96
N ALA B 149 -20.63 -14.09 2.43
CA ALA B 149 -20.29 -14.39 3.82
C ALA B 149 -21.13 -13.61 4.82
N THR B 150 -21.55 -14.26 5.90
CA THR B 150 -22.30 -13.59 6.97
C THR B 150 -21.53 -13.48 8.30
N GLU B 151 -20.34 -14.09 8.35
CA GLU B 151 -19.45 -13.98 9.52
C GLU B 151 -18.05 -14.36 9.03
N PRO B 152 -17.00 -14.17 9.85
CA PRO B 152 -15.70 -14.57 9.30
C PRO B 152 -15.71 -16.05 8.96
N GLN B 153 -14.93 -16.45 7.97
N GLN B 153 -14.91 -16.44 7.97
CA GLN B 153 -14.82 -17.85 7.60
CA GLN B 153 -14.95 -17.79 7.45
C GLN B 153 -13.60 -18.09 6.73
C GLN B 153 -13.66 -18.05 6.67
N MET B 154 -13.00 -19.26 6.88
N MET B 154 -13.13 -19.25 6.82
CA MET B 154 -11.87 -19.65 6.05
CA MET B 154 -11.96 -19.67 6.08
C MET B 154 -12.37 -20.58 4.94
C MET B 154 -12.44 -20.55 4.93
N VAL B 155 -12.00 -20.26 3.72
CA VAL B 155 -12.36 -21.12 2.58
C VAL B 155 -11.05 -21.56 1.91
N LEU B 156 -11.01 -22.80 1.44
CA LEU B 156 -9.81 -23.39 0.84
C LEU B 156 -10.02 -23.67 -0.65
N PHE B 157 -9.06 -23.22 -1.46
CA PHE B 157 -9.07 -23.48 -2.90
C PHE B 157 -7.71 -24.01 -3.38
N ASN B 158 -7.68 -24.64 -4.55
CA ASN B 158 -6.42 -24.79 -5.30
C ASN B 158 -6.52 -23.87 -6.49
N ILE B 159 -5.69 -22.84 -6.52
CA ILE B 159 -5.80 -21.85 -7.56
C ILE B 159 -5.15 -22.30 -8.89
N TYR B 160 -4.48 -23.45 -8.88
CA TYR B 160 -3.93 -24.01 -10.11
C TYR B 160 -4.87 -25.09 -10.68
N ASP B 161 -6.05 -25.27 -10.09
CA ASP B 161 -6.95 -26.33 -10.54
C ASP B 161 -6.20 -27.68 -10.59
N ASP B 162 -6.21 -28.35 -11.76
CA ASP B 162 -5.48 -29.60 -11.99
C ASP B 162 -4.19 -29.46 -12.81
N TRP B 163 -3.71 -28.24 -13.04
CA TRP B 163 -2.55 -28.01 -13.91
C TRP B 163 -1.31 -28.82 -13.51
N LEU B 164 -1.13 -29.03 -12.20
CA LEU B 164 0.12 -29.67 -11.74
C LEU B 164 0.17 -31.17 -12.01
N ASP B 165 -0.90 -31.75 -12.56
CA ASP B 165 -0.80 -33.10 -13.13
C ASP B 165 0.05 -33.07 -14.40
N ARG B 166 0.23 -31.89 -14.98
CA ARG B 166 0.87 -31.81 -16.28
C ARG B 166 2.06 -30.85 -16.38
N ILE B 167 2.07 -29.79 -15.56
CA ILE B 167 3.11 -28.78 -15.66
C ILE B 167 3.82 -28.55 -14.32
N SER B 168 5.03 -28.02 -14.38
CA SER B 168 5.76 -27.68 -13.17
C SER B 168 5.11 -26.50 -12.40
N SER B 169 5.49 -26.36 -11.13
N SER B 169 5.50 -26.34 -11.14
CA SER B 169 4.99 -25.27 -10.30
CA SER B 169 4.97 -25.28 -10.30
C SER B 169 5.33 -23.92 -10.87
C SER B 169 5.36 -23.89 -10.81
N TYR B 170 6.52 -23.80 -11.45
CA TYR B 170 6.98 -22.54 -11.99
C TYR B 170 6.12 -22.16 -13.19
N THR B 171 5.89 -23.12 -14.09
CA THR B 171 4.96 -22.89 -15.22
C THR B 171 3.54 -22.52 -14.74
N ALA B 172 3.02 -23.25 -13.77
CA ALA B 172 1.71 -22.91 -13.18
C ALA B 172 1.66 -21.49 -12.56
N PHE B 173 2.71 -21.13 -11.81
CA PHE B 173 2.73 -19.82 -11.15
C PHE B 173 2.80 -18.74 -12.21
N SER B 174 3.52 -19.01 -13.29
CA SER B 174 3.61 -18.04 -14.37
C SER B 174 2.28 -17.88 -15.12
N ARG B 175 1.56 -18.97 -15.29
CA ARG B 175 0.23 -18.91 -15.90
C ARG B 175 -0.70 -18.06 -15.01
N LEU B 176 -0.69 -18.37 -13.71
CA LEU B 176 -1.51 -17.66 -12.71
C LEU B 176 -1.25 -16.17 -12.69
N THR B 177 0.03 -15.76 -12.64
CA THR B 177 0.31 -14.32 -12.55
C THR B 177 0.03 -13.63 -13.88
N LEU B 178 0.19 -14.35 -14.98
CA LEU B 178 -0.20 -13.80 -16.27
C LEU B 178 -1.73 -13.51 -16.31
N LEU B 179 -2.51 -14.47 -15.85
CA LEU B 179 -3.97 -14.33 -15.78
C LEU B 179 -4.43 -13.17 -14.88
N LEU B 180 -3.88 -13.11 -13.67
CA LEU B 180 -4.25 -12.05 -12.72
C LEU B 180 -3.83 -10.65 -13.18
N ARG B 181 -2.65 -10.57 -13.80
N ARG B 181 -2.64 -10.54 -13.78
CA ARG B 181 -2.12 -9.31 -14.32
CA ARG B 181 -2.19 -9.24 -14.27
C ARG B 181 -3.07 -8.81 -15.40
C ARG B 181 -3.06 -8.78 -15.44
N ALA B 182 -3.50 -9.72 -16.28
CA ALA B 182 -4.43 -9.42 -17.33
C ALA B 182 -5.80 -8.99 -16.77
N LEU B 183 -6.28 -9.71 -15.76
CA LEU B 183 -7.55 -9.35 -15.11
C LEU B 183 -7.41 -7.99 -14.42
N LYS B 184 -6.24 -7.72 -13.84
CA LYS B 184 -6.00 -6.42 -13.21
C LYS B 184 -5.99 -5.28 -14.23
N THR B 185 -5.42 -5.55 -15.40
CA THR B 185 -5.19 -4.56 -16.43
C THR B 185 -6.47 -4.17 -17.21
N ASN B 186 -7.27 -5.16 -17.60
CA ASN B 186 -8.51 -4.95 -18.31
C ASN B 186 -9.43 -6.14 -18.06
N GLU B 187 -10.26 -6.02 -17.02
CA GLU B 187 -11.06 -7.14 -16.53
C GLU B 187 -12.04 -7.69 -17.58
N GLU B 188 -12.83 -6.82 -18.22
CA GLU B 188 -13.82 -7.28 -19.18
CA GLU B 188 -13.81 -7.26 -19.21
C GLU B 188 -13.14 -8.01 -20.36
N SER B 189 -12.03 -7.45 -20.85
CA SER B 189 -11.32 -8.04 -21.99
C SER B 189 -10.67 -9.40 -21.65
N ALA B 190 -10.09 -9.48 -20.45
CA ALA B 190 -9.50 -10.71 -19.95
C ALA B 190 -10.56 -11.78 -19.76
N LYS B 191 -11.69 -11.41 -19.14
CA LYS B 191 -12.79 -12.37 -19.02
C LYS B 191 -13.32 -12.78 -20.41
N MET B 192 -13.34 -11.87 -21.39
CA MET B 192 -13.80 -12.26 -22.71
C MET B 192 -12.90 -13.37 -23.29
N ILE B 193 -11.58 -13.22 -23.10
CA ILE B 193 -10.64 -14.24 -23.56
C ILE B 193 -10.94 -15.57 -22.91
N LEU B 194 -11.30 -15.55 -21.62
CA LEU B 194 -11.61 -16.80 -20.91
C LEU B 194 -12.94 -17.40 -21.35
N LEU B 195 -13.87 -16.57 -21.79
CA LEU B 195 -15.22 -17.05 -22.14
C LEU B 195 -15.46 -17.32 -23.63
N SER B 196 -14.47 -16.98 -24.46
CA SER B 196 -14.61 -17.03 -25.92
C SER B 196 -15.27 -18.30 -26.48
N ASP B 197 -14.70 -19.45 -26.14
CA ASP B 197 -15.26 -20.73 -26.54
C ASP B 197 -16.26 -21.26 -25.51
N PRO B 198 -17.55 -21.18 -25.82
CA PRO B 198 -18.59 -21.63 -24.86
C PRO B 198 -18.57 -23.14 -24.62
N THR B 199 -18.02 -23.92 -25.55
CA THR B 199 -17.92 -25.37 -25.35
C THR B 199 -16.89 -25.78 -24.28
N ILE B 200 -16.00 -24.86 -23.90
CA ILE B 200 -15.07 -25.16 -22.82
C ILE B 200 -15.62 -24.57 -21.53
N THR B 201 -15.83 -25.43 -20.53
CA THR B 201 -16.47 -25.03 -19.30
C THR B 201 -15.55 -25.11 -18.07
N ILE B 202 -15.99 -24.48 -16.98
CA ILE B 202 -15.29 -24.60 -15.71
C ILE B 202 -15.93 -25.72 -14.89
N LYS B 203 -15.15 -26.72 -14.53
CA LYS B 203 -15.65 -27.73 -13.61
C LYS B 203 -16.10 -27.13 -12.28
N SER B 204 -17.03 -27.81 -11.61
CA SER B 204 -17.62 -27.29 -10.38
C SER B 204 -16.57 -27.09 -9.30
N TYR B 205 -15.49 -27.87 -9.36
CA TYR B 205 -14.43 -27.78 -8.36
C TYR B 205 -13.22 -26.98 -8.84
N HIS B 206 -13.34 -26.31 -9.98
CA HIS B 206 -12.24 -25.52 -10.53
C HIS B 206 -12.57 -24.04 -10.53
N LEU B 207 -11.53 -23.22 -10.73
CA LEU B 207 -11.67 -21.79 -10.90
C LEU B 207 -11.56 -21.31 -12.36
N TRP B 208 -10.87 -22.09 -13.19
CA TRP B 208 -10.54 -21.68 -14.55
C TRP B 208 -11.10 -22.67 -15.56
N PRO B 209 -11.26 -22.27 -16.83
CA PRO B 209 -11.83 -23.19 -17.83
C PRO B 209 -10.93 -24.41 -18.09
N SER B 210 -11.52 -25.48 -18.59
CA SER B 210 -10.79 -26.71 -18.83
C SER B 210 -10.04 -26.68 -20.17
N PHE B 211 -9.16 -25.71 -20.39
CA PHE B 211 -8.40 -25.69 -21.65
C PHE B 211 -7.50 -26.93 -21.82
N THR B 212 -7.34 -27.38 -23.05
CA THR B 212 -6.30 -28.36 -23.36
C THR B 212 -4.94 -27.65 -23.37
N ASP B 213 -3.87 -28.44 -23.28
CA ASP B 213 -2.50 -27.94 -23.35
C ASP B 213 -2.28 -27.03 -24.55
N GLU B 214 -2.76 -27.47 -25.69
CA GLU B 214 -2.75 -26.69 -26.90
C GLU B 214 -3.48 -25.33 -26.79
N GLN B 215 -4.67 -25.34 -26.20
CA GLN B 215 -5.46 -24.12 -26.08
C GLN B 215 -4.81 -23.12 -25.11
N TRP B 216 -4.28 -23.61 -24.01
CA TRP B 216 -3.58 -22.75 -23.05
C TRP B 216 -2.49 -21.90 -23.69
N ILE B 217 -1.82 -22.43 -24.72
CA ILE B 217 -0.76 -21.66 -25.36
C ILE B 217 -1.33 -20.39 -26.00
N THR B 218 -2.42 -20.55 -26.75
CA THR B 218 -3.13 -19.42 -27.36
C THR B 218 -3.76 -18.47 -26.32
N ILE B 219 -4.38 -19.02 -25.27
CA ILE B 219 -4.96 -18.19 -24.24
C ILE B 219 -3.87 -17.34 -23.59
N GLU B 220 -2.79 -17.98 -23.15
CA GLU B 220 -1.68 -17.26 -22.53
C GLU B 220 -1.18 -16.13 -23.44
N SER B 221 -1.02 -16.44 -24.72
CA SER B 221 -0.56 -15.46 -25.68
C SER B 221 -1.54 -14.27 -25.88
N GLN B 222 -2.84 -14.53 -25.79
CA GLN B 222 -3.82 -13.46 -25.88
C GLN B 222 -3.74 -12.57 -24.64
N MET B 223 -3.56 -13.19 -23.47
CA MET B 223 -3.43 -12.47 -22.21
C MET B 223 -2.18 -11.57 -22.26
N ARG B 224 -1.08 -12.13 -22.77
CA ARG B 224 0.17 -11.40 -22.96
C ARG B 224 -0.02 -10.17 -23.88
N ASP B 225 -0.74 -10.36 -24.99
CA ASP B 225 -1.05 -9.25 -25.88
C ASP B 225 -1.87 -8.15 -25.18
N LEU B 226 -2.92 -8.57 -24.48
CA LEU B 226 -3.75 -7.67 -23.69
C LEU B 226 -2.89 -6.78 -22.80
N ILE B 227 -2.04 -7.41 -22.00
CA ILE B 227 -1.17 -6.67 -21.08
C ILE B 227 -0.27 -5.65 -21.81
N LEU B 228 0.41 -6.08 -22.86
CA LEU B 228 1.38 -5.23 -23.54
C LEU B 228 0.68 -4.14 -24.34
N THR B 229 -0.53 -4.41 -24.78
CA THR B 229 -1.27 -3.39 -25.50
C THR B 229 -1.67 -2.24 -24.57
N GLU B 230 -2.24 -2.58 -23.41
N GLU B 230 -2.27 -2.56 -23.42
CA GLU B 230 -2.68 -1.56 -22.46
CA GLU B 230 -2.66 -1.51 -22.48
C GLU B 230 -1.49 -0.80 -21.89
C GLU B 230 -1.44 -0.75 -22.01
N TYR B 231 -0.36 -1.49 -21.74
CA TYR B 231 0.89 -0.88 -21.31
C TYR B 231 1.40 0.10 -22.38
N GLY B 232 1.07 -0.19 -23.64
CA GLY B 232 1.43 0.67 -24.74
C GLY B 232 0.35 1.68 -25.09
N ARG B 233 -0.57 1.92 -24.16
CA ARG B 233 -1.56 2.98 -24.28
C ARG B 233 -1.40 3.95 -23.14
N LYS B 234 -1.20 3.41 -21.95
CA LYS B 234 -0.98 4.22 -20.76
C LYS B 234 0.24 5.11 -20.95
N TYR B 235 1.35 4.51 -21.37
CA TYR B 235 2.49 5.26 -21.87
C TYR B 235 2.60 4.92 -23.36
N ASN B 236 2.55 5.93 -24.23
CA ASN B 236 2.50 5.65 -25.67
C ASN B 236 3.81 5.11 -26.27
N VAL B 237 4.25 3.97 -25.75
CA VAL B 237 5.45 3.30 -26.23
C VAL B 237 5.08 2.19 -27.21
N ASN B 238 5.73 2.18 -28.37
CA ASN B 238 5.53 1.11 -29.35
C ASN B 238 6.17 -0.18 -28.86
N ILE B 239 5.37 -1.24 -28.75
CA ILE B 239 5.84 -2.53 -28.26
C ILE B 239 6.55 -3.26 -29.40
N SER B 240 6.34 -2.76 -30.62
CA SER B 240 7.14 -3.22 -31.76
C SER B 240 8.59 -2.84 -31.50
N ALA B 241 8.80 -1.59 -31.10
CA ALA B 241 10.13 -1.07 -30.78
C ALA B 241 10.68 -1.69 -29.50
N LEU B 242 9.81 -2.33 -28.74
CA LEU B 242 10.26 -3.04 -27.54
C LEU B 242 11.17 -4.20 -27.93
N THR B 243 12.13 -4.47 -27.07
CA THR B 243 12.90 -5.70 -27.15
C THR B 243 12.15 -6.72 -26.30
N GLN B 244 12.66 -7.95 -26.26
CA GLN B 244 12.12 -8.95 -25.35
C GLN B 244 12.28 -8.42 -23.94
N THR B 245 13.26 -7.53 -23.77
CA THR B 245 13.51 -6.74 -22.57
C THR B 245 13.21 -7.54 -21.31
N GLU B 246 12.45 -6.93 -20.42
CA GLU B 246 11.88 -7.63 -19.30
C GLU B 246 10.37 -7.50 -19.42
N ILE B 247 9.83 -8.24 -20.38
CA ILE B 247 8.40 -8.37 -20.48
C ILE B 247 8.00 -9.16 -19.24
N LYS B 248 8.92 -10.01 -18.78
CA LYS B 248 8.71 -10.76 -17.54
C LYS B 248 8.62 -9.85 -16.32
N ASP B 249 9.35 -8.73 -16.35
CA ASP B 249 9.28 -7.74 -15.26
C ASP B 249 7.97 -6.99 -15.33
N ILE B 250 7.50 -6.73 -16.55
CA ILE B 250 6.14 -6.22 -16.71
C ILE B 250 5.15 -7.17 -16.03
N ILE B 251 5.21 -8.45 -16.38
CA ILE B 251 4.25 -9.42 -15.85
C ILE B 251 4.27 -9.49 -14.31
N LEU B 252 5.45 -9.38 -13.71
CA LEU B 252 5.64 -9.59 -12.27
C LEU B 252 5.48 -8.34 -11.39
N GLY B 253 6.02 -7.22 -11.88
CA GLY B 253 6.08 -6.01 -11.09
C GLY B 253 7.48 -5.70 -10.60
N SER C 5 -26.26 -17.45 -38.43
CA SER C 5 -25.72 -18.65 -37.77
C SER C 5 -25.92 -18.58 -36.26
N LYS C 6 -26.20 -19.73 -35.66
CA LYS C 6 -26.41 -19.83 -34.21
C LYS C 6 -25.12 -19.52 -33.46
N ASN C 7 -24.02 -19.52 -34.20
CA ASN C 7 -22.70 -19.27 -33.64
C ASN C 7 -22.52 -17.83 -33.18
N GLU C 8 -22.69 -16.87 -34.09
CA GLU C 8 -22.35 -15.46 -33.85
C GLU C 8 -23.27 -14.82 -32.83
N TRP C 9 -24.51 -15.29 -32.84
CA TRP C 9 -25.49 -14.98 -31.81
C TRP C 9 -24.88 -15.27 -30.43
N ARG C 10 -24.31 -16.46 -30.30
CA ARG C 10 -23.76 -16.92 -29.03
C ARG C 10 -22.64 -16.02 -28.44
N LYS C 11 -21.75 -15.51 -29.28
CA LYS C 11 -20.64 -14.67 -28.82
C LYS C 11 -21.12 -13.31 -28.32
N SER C 12 -22.17 -12.80 -28.96
CA SER C 12 -22.68 -11.49 -28.59
C SER C 12 -23.38 -11.60 -27.24
N ALA C 13 -24.08 -12.71 -27.04
CA ALA C 13 -24.81 -12.94 -25.81
C ALA C 13 -23.82 -13.09 -24.65
N ILE C 14 -22.67 -13.72 -24.92
CA ILE C 14 -21.61 -13.87 -23.91
C ILE C 14 -21.05 -12.52 -23.45
N ALA C 15 -20.76 -11.64 -24.39
CA ALA C 15 -20.23 -10.34 -24.05
C ALA C 15 -21.21 -9.63 -23.13
N ASN C 16 -22.49 -9.82 -23.38
CA ASN C 16 -23.50 -9.09 -22.60
C ASN C 16 -23.56 -9.52 -21.14
N THR C 17 -23.12 -10.74 -20.84
CA THR C 17 -23.10 -11.25 -19.47
C THR C 17 -22.10 -10.53 -18.55
N LEU C 18 -21.23 -9.71 -19.13
CA LEU C 18 -20.23 -8.95 -18.38
C LEU C 18 -20.65 -7.49 -18.14
N LEU C 19 -21.84 -7.12 -18.62
CA LEU C 19 -22.30 -5.75 -18.52
C LEU C 19 -22.37 -5.25 -17.08
N TYR C 20 -22.79 -6.13 -16.18
CA TYR C 20 -22.92 -5.81 -14.76
C TYR C 20 -21.63 -5.26 -14.13
N LEU C 21 -20.47 -5.65 -14.67
CA LEU C 21 -19.20 -5.16 -14.14
C LEU C 21 -19.11 -3.63 -14.24
N ARG C 22 -19.79 -3.07 -15.24
CA ARG C 22 -19.75 -1.63 -15.50
C ARG C 22 -20.42 -0.79 -14.37
N LEU C 23 -21.24 -1.45 -13.56
CA LEU C 23 -21.94 -0.75 -12.49
C LEU C 23 -21.05 -0.50 -11.28
N LYS C 24 -19.81 -0.97 -11.28
CA LYS C 24 -18.86 -0.69 -10.19
C LYS C 24 -18.49 0.77 -10.13
N ASN C 25 -18.38 1.39 -11.29
CA ASN C 25 -18.09 2.81 -11.32
C ASN C 25 -19.19 3.56 -12.00
N ILE C 26 -19.93 4.34 -11.21
CA ILE C 26 -21.08 5.07 -11.70
C ILE C 26 -20.86 6.61 -11.60
N TYR C 27 -20.95 7.27 -12.74
CA TYR C 27 -20.84 8.73 -12.82
C TYR C 27 -22.19 9.35 -13.18
N VAL C 28 -22.51 10.46 -12.52
CA VAL C 28 -23.76 11.16 -12.74
C VAL C 28 -23.47 12.62 -13.05
N SER C 29 -23.97 13.11 -14.20
CA SER C 29 -23.74 14.48 -14.62
C SER C 29 -24.47 15.43 -13.67
N ALA C 30 -23.71 16.32 -13.05
CA ALA C 30 -24.28 17.18 -12.01
C ALA C 30 -23.69 18.59 -12.09
N ASP C 31 -24.41 19.55 -11.51
CA ASP C 31 -23.96 20.94 -11.43
C ASP C 31 -24.46 21.51 -10.12
N ASP C 32 -24.26 22.82 -9.91
CA ASP C 32 -24.73 23.48 -8.69
C ASP C 32 -26.24 23.39 -8.57
N PHE C 33 -26.70 22.91 -7.41
CA PHE C 33 -28.10 22.61 -7.21
C PHE C 33 -29.00 23.81 -7.38
N VAL C 34 -30.10 23.61 -8.12
CA VAL C 34 -31.11 24.65 -8.29
C VAL C 34 -32.43 24.28 -7.63
N GLU C 35 -32.86 25.10 -6.68
CA GLU C 35 -34.04 24.80 -5.85
C GLU C 35 -35.36 24.71 -6.61
N GLU C 36 -35.55 25.57 -7.60
CA GLU C 36 -36.82 25.68 -8.29
C GLU C 36 -36.98 24.58 -9.35
N GLN C 37 -35.84 24.01 -9.76
CA GLN C 37 -35.81 22.98 -10.78
C GLN C 37 -36.17 21.62 -10.19
N ASN C 38 -36.88 20.78 -10.94
CA ASN C 38 -37.17 19.42 -10.47
C ASN C 38 -35.93 18.60 -10.24
N VAL C 39 -36.07 17.59 -9.38
CA VAL C 39 -35.04 16.58 -9.16
C VAL C 39 -35.63 15.20 -9.41
N TYR C 40 -34.98 14.44 -10.27
CA TYR C 40 -35.42 13.09 -10.63
C TYR C 40 -34.61 12.03 -9.89
N VAL C 41 -35.29 11.09 -9.24
CA VAL C 41 -34.61 10.10 -8.43
C VAL C 41 -34.77 8.70 -9.03
N LEU C 42 -33.65 8.09 -9.40
CA LEU C 42 -33.67 6.80 -10.08
C LEU C 42 -33.25 5.67 -9.14
N PRO C 43 -34.15 4.71 -8.88
CA PRO C 43 -33.83 3.54 -8.06
C PRO C 43 -32.64 2.81 -8.65
N LYS C 44 -31.68 2.45 -7.82
CA LYS C 44 -30.51 1.75 -8.31
C LYS C 44 -30.89 0.36 -8.87
N ASN C 45 -31.86 -0.31 -8.24
CA ASN C 45 -32.27 -1.63 -8.72
C ASN C 45 -32.75 -1.58 -10.18
N LEU C 46 -33.39 -0.48 -10.55
CA LEU C 46 -33.80 -0.27 -11.95
C LEU C 46 -32.63 -0.07 -12.89
N LEU C 47 -31.65 0.76 -12.52
CA LEU C 47 -30.48 0.95 -13.37
C LEU C 47 -29.75 -0.40 -13.53
N LYS C 48 -29.63 -1.14 -12.44
CA LYS C 48 -28.83 -2.37 -12.46
C LYS C 48 -29.43 -3.35 -13.46
N LYS C 49 -30.74 -3.60 -13.36
CA LYS C 49 -31.41 -4.54 -14.25
C LYS C 49 -31.40 -4.05 -15.69
N PHE C 50 -31.60 -2.76 -15.88
CA PHE C 50 -31.66 -2.20 -17.22
C PHE C 50 -30.31 -2.35 -17.93
N ILE C 51 -29.21 -2.12 -17.21
CA ILE C 51 -27.89 -2.40 -17.78
C ILE C 51 -27.74 -3.90 -18.12
N GLU C 52 -28.13 -4.75 -17.19
CA GLU C 52 -28.04 -6.20 -17.34
C GLU C 52 -28.79 -6.74 -18.57
N ILE C 53 -29.89 -6.11 -18.96
CA ILE C 53 -30.66 -6.55 -20.14
C ILE C 53 -30.25 -5.86 -21.43
N SER C 54 -29.31 -4.92 -21.34
CA SER C 54 -28.91 -4.13 -22.49
C SER C 54 -27.87 -4.83 -23.36
N ASP C 55 -27.31 -4.09 -24.31
CA ASP C 55 -26.33 -4.66 -25.24
C ASP C 55 -25.02 -3.87 -25.26
N VAL C 56 -23.93 -4.53 -25.61
CA VAL C 56 -22.64 -3.83 -25.70
C VAL C 56 -22.50 -2.88 -26.90
N LYS C 57 -23.26 -3.12 -27.98
CA LYS C 57 -23.18 -2.28 -29.20
C LYS C 57 -24.47 -1.53 -29.56
N ILE C 58 -25.61 -2.18 -29.34
CA ILE C 58 -26.88 -1.65 -29.83
C ILE C 58 -27.64 -0.89 -28.73
N GLN C 59 -28.16 0.29 -29.07
CA GLN C 59 -28.90 1.05 -28.05
C GLN C 59 -30.18 0.33 -27.62
N VAL C 60 -30.43 0.40 -26.31
CA VAL C 60 -31.65 -0.11 -25.69
C VAL C 60 -32.37 1.05 -24.97
N ALA C 61 -33.69 1.09 -25.02
CA ALA C 61 -34.45 2.19 -24.39
C ALA C 61 -35.73 1.73 -23.65
N ALA C 62 -36.30 2.63 -22.85
CA ALA C 62 -37.53 2.33 -22.11
C ALA C 62 -38.14 3.64 -21.65
N PHE C 63 -39.42 3.61 -21.28
CA PHE C 63 -40.07 4.81 -20.72
C PHE C 63 -39.88 4.78 -19.21
N ILE C 64 -39.93 5.96 -18.59
CA ILE C 64 -39.91 6.04 -17.14
C ILE C 64 -41.17 6.70 -16.61
N TYR C 65 -41.74 6.11 -15.55
CA TYR C 65 -42.93 6.66 -14.91
C TYR C 65 -42.72 6.77 -13.40
N GLY C 66 -43.44 7.69 -12.77
CA GLY C 66 -43.31 7.87 -11.34
C GLY C 66 -44.12 9.04 -10.83
N MET C 67 -43.72 9.60 -9.69
CA MET C 67 -44.51 10.69 -9.13
C MET C 67 -43.80 11.48 -8.03
N SER C 68 -44.35 12.68 -7.76
CA SER C 68 -43.86 13.55 -6.71
C SER C 68 -43.98 12.91 -5.34
N ALA C 69 -42.94 13.08 -4.51
CA ALA C 69 -43.05 12.75 -3.10
C ALA C 69 -44.12 13.59 -2.39
N LYS C 70 -44.56 13.16 -1.21
CA LYS C 70 -45.71 13.79 -0.54
C LYS C 70 -45.47 15.23 -0.05
N ASP C 71 -44.28 15.49 0.46
CA ASP C 71 -43.91 16.83 0.93
C ASP C 71 -43.46 17.71 -0.23
N HIS C 72 -42.73 17.10 -1.17
CA HIS C 72 -41.98 17.86 -2.16
C HIS C 72 -42.41 17.55 -3.58
N PRO C 73 -43.17 18.46 -4.19
CA PRO C 73 -43.62 18.33 -5.59
C PRO C 73 -42.50 18.51 -6.62
N LYS C 74 -41.31 18.92 -6.17
CA LYS C 74 -40.18 19.10 -7.09
CA LYS C 74 -40.18 19.10 -7.09
C LYS C 74 -39.33 17.82 -7.15
N VAL C 75 -39.60 16.88 -6.27
CA VAL C 75 -38.85 15.64 -6.22
C VAL C 75 -39.66 14.52 -6.88
N LYS C 76 -39.29 14.21 -8.11
CA LYS C 76 -39.99 13.22 -8.92
C LYS C 76 -39.29 11.88 -8.78
N GLU C 77 -39.95 10.94 -8.10
CA GLU C 77 -39.39 9.63 -7.87
C GLU C 77 -39.82 8.71 -8.99
N ILE C 78 -38.85 8.04 -9.60
CA ILE C 78 -39.11 7.10 -10.68
C ILE C 78 -39.51 5.79 -10.03
N LYS C 79 -40.71 5.31 -10.36
CA LYS C 79 -41.29 4.10 -9.75
C LYS C 79 -41.23 2.92 -10.70
N THR C 80 -41.39 3.19 -11.99
CA THR C 80 -41.63 2.11 -12.93
C THR C 80 -40.91 2.39 -14.24
N VAL C 81 -40.20 1.38 -14.75
CA VAL C 81 -39.62 1.46 -16.08
C VAL C 81 -40.44 0.57 -17.04
N VAL C 82 -40.83 1.11 -18.19
CA VAL C 82 -41.62 0.31 -19.13
C VAL C 82 -40.81 -0.09 -20.37
N LEU C 83 -40.47 -1.37 -20.50
CA LEU C 83 -39.76 -1.81 -21.69
C LEU C 83 -40.82 -2.04 -22.77
N VAL C 84 -40.70 -1.34 -23.89
CA VAL C 84 -41.66 -1.48 -24.98
C VAL C 84 -40.97 -2.08 -26.22
N PRO C 85 -41.76 -2.63 -27.15
CA PRO C 85 -41.22 -3.12 -28.42
C PRO C 85 -40.41 -2.05 -29.13
N GLN C 86 -39.25 -2.43 -29.66
CA GLN C 86 -38.32 -1.46 -30.24
C GLN C 86 -37.34 -2.15 -31.20
N LEU C 87 -36.69 -1.35 -32.02
CA LEU C 87 -35.65 -1.83 -32.90
C LEU C 87 -34.42 -0.94 -32.74
N GLY C 88 -33.39 -1.46 -32.09
CA GLY C 88 -32.23 -0.64 -31.80
C GLY C 88 -31.20 -0.69 -32.90
N HIS C 89 -30.36 0.33 -32.93
CA HIS C 89 -29.25 0.44 -33.86
C HIS C 89 -28.06 0.90 -33.06
N VAL C 90 -26.89 0.83 -33.67
CA VAL C 90 -25.74 1.53 -33.13
C VAL C 90 -26.07 2.99 -33.34
N GLY C 91 -26.05 3.79 -32.28
CA GLY C 91 -26.30 5.20 -32.46
C GLY C 91 -27.74 5.72 -32.40
N SER C 92 -28.72 4.82 -32.41
CA SER C 92 -30.11 5.25 -32.35
C SER C 92 -31.01 4.10 -31.99
N VAL C 93 -32.27 4.41 -31.70
CA VAL C 93 -33.26 3.38 -31.44
C VAL C 93 -34.65 3.77 -31.97
N GLN C 94 -35.33 2.81 -32.59
CA GLN C 94 -36.70 3.02 -33.05
C GLN C 94 -37.61 2.46 -31.98
N ILE C 95 -38.23 3.37 -31.24
CA ILE C 95 -39.06 2.98 -30.12
CA ILE C 95 -39.07 3.00 -30.10
C ILE C 95 -40.53 3.11 -30.49
N SER C 96 -41.35 2.17 -30.02
CA SER C 96 -42.79 2.25 -30.28
C SER C 96 -43.41 3.34 -29.40
N ASN C 97 -44.63 3.74 -29.71
CA ASN C 97 -45.33 4.83 -29.03
C ASN C 97 -45.46 4.73 -27.51
N ILE C 98 -45.74 5.86 -26.87
CA ILE C 98 -46.08 5.90 -25.45
C ILE C 98 -47.07 4.80 -25.10
N PRO C 99 -46.73 3.92 -24.16
CA PRO C 99 -47.61 2.77 -23.95
C PRO C 99 -48.87 3.15 -23.17
N ASP C 100 -49.95 2.39 -23.36
CA ASP C 100 -51.16 2.58 -22.58
C ASP C 100 -51.15 1.64 -21.38
N ILE C 101 -50.85 2.19 -20.20
CA ILE C 101 -50.74 1.37 -18.99
C ILE C 101 -51.78 1.69 -17.91
N GLY C 102 -52.67 2.65 -18.19
CA GLY C 102 -53.67 3.08 -17.23
C GLY C 102 -54.69 2.03 -16.80
N ASP C 103 -54.91 1.03 -17.66
CA ASP C 103 -55.77 -0.10 -17.32
C ASP C 103 -55.14 -1.08 -16.34
N LEU C 104 -53.82 -1.02 -16.17
CA LEU C 104 -53.16 -1.94 -15.25
C LEU C 104 -53.39 -1.50 -13.80
N PRO C 105 -53.52 -2.47 -12.89
CA PRO C 105 -53.71 -2.09 -11.48
C PRO C 105 -52.43 -1.51 -10.90
N ASP C 106 -52.54 -0.86 -9.74
CA ASP C 106 -51.41 -0.31 -9.01
C ASP C 106 -50.69 0.80 -9.76
N THR C 107 -51.34 1.40 -10.75
CA THR C 107 -50.75 2.49 -11.53
C THR C 107 -51.44 3.81 -11.25
N GLU C 108 -52.17 3.89 -10.14
CA GLU C 108 -52.89 5.12 -9.79
C GLU C 108 -51.87 6.17 -9.40
N GLY C 109 -52.01 7.38 -9.95
CA GLY C 109 -51.10 8.46 -9.65
C GLY C 109 -49.77 8.46 -10.42
N LEU C 110 -49.55 7.44 -11.26
CA LEU C 110 -48.32 7.37 -12.06
C LEU C 110 -48.24 8.43 -13.15
N GLU C 111 -47.13 9.17 -13.15
CA GLU C 111 -46.94 10.22 -14.15
C GLU C 111 -45.90 9.74 -15.16
N LEU C 112 -46.14 10.02 -16.44
CA LEU C 112 -45.13 9.78 -17.46
C LEU C 112 -44.03 10.80 -17.29
N LEU C 113 -42.79 10.34 -17.08
CA LEU C 113 -41.67 11.24 -16.78
C LEU C 113 -40.70 11.45 -17.95
N GLY C 114 -40.65 10.49 -18.86
CA GLY C 114 -39.80 10.59 -20.04
C GLY C 114 -39.28 9.22 -20.44
N TRP C 115 -38.04 9.19 -20.92
CA TRP C 115 -37.44 7.93 -21.37
C TRP C 115 -35.99 7.76 -20.93
N ILE C 116 -35.51 6.54 -21.02
CA ILE C 116 -34.16 6.24 -20.61
C ILE C 116 -33.56 5.33 -21.68
N HIS C 117 -32.27 5.48 -21.97
CA HIS C 117 -31.63 4.68 -23.01
C HIS C 117 -30.11 4.60 -22.84
N THR C 118 -29.50 3.56 -23.41
CA THR C 118 -28.05 3.45 -23.44
C THR C 118 -27.49 4.07 -24.72
N GLN C 119 -26.19 4.35 -24.69
CA GLN C 119 -25.47 4.81 -25.87
C GLN C 119 -23.98 4.48 -25.70
N THR C 120 -23.27 4.40 -26.82
CA THR C 120 -21.87 4.00 -26.81
C THR C 120 -20.92 5.14 -27.17
N GLU C 121 -21.42 6.37 -27.15
CA GLU C 121 -20.60 7.58 -27.34
C GLU C 121 -20.85 8.57 -26.19
N GLU C 122 -19.80 9.24 -25.73
CA GLU C 122 -19.95 10.18 -24.61
C GLU C 122 -20.24 11.61 -25.07
N LEU C 123 -21.29 12.20 -24.49
CA LEU C 123 -21.78 13.51 -24.95
C LEU C 123 -22.23 14.37 -23.78
N LYS C 124 -22.26 15.68 -23.99
CA LYS C 124 -22.75 16.61 -22.97
C LYS C 124 -24.09 17.24 -23.35
N PHE C 125 -24.78 16.63 -24.31
CA PHE C 125 -26.06 17.09 -24.82
C PHE C 125 -26.75 15.97 -25.61
N MET C 126 -28.05 16.12 -25.85
CA MET C 126 -28.78 15.09 -26.59
C MET C 126 -28.29 15.02 -28.04
N ALA C 127 -27.93 13.85 -28.54
CA ALA C 127 -27.50 13.78 -29.93
C ALA C 127 -28.67 14.04 -30.87
N ALA C 128 -28.36 14.30 -32.13
CA ALA C 128 -29.38 14.51 -33.15
C ALA C 128 -30.45 13.44 -33.14
N SER C 129 -30.06 12.17 -33.00
CA SER C 129 -31.02 11.08 -33.04
CA SER C 129 -31.03 11.10 -33.05
C SER C 129 -31.92 11.05 -31.81
N GLU C 130 -31.37 11.44 -30.66
CA GLU C 130 -32.17 11.54 -29.44
C GLU C 130 -33.21 12.64 -29.64
N VAL C 131 -32.77 13.78 -30.17
CA VAL C 131 -33.68 14.91 -30.44
C VAL C 131 -34.87 14.51 -31.33
N ALA C 132 -34.60 13.77 -32.40
CA ALA C 132 -35.68 13.29 -33.26
C ALA C 132 -36.60 12.28 -32.54
N THR C 133 -35.99 11.38 -31.76
CA THR C 133 -36.78 10.38 -31.07
C THR C 133 -37.65 11.02 -29.98
N HIS C 134 -37.04 11.91 -29.21
CA HIS C 134 -37.72 12.64 -28.13
C HIS C 134 -38.84 13.56 -28.67
N SER C 135 -38.62 14.14 -29.85
N SER C 135 -38.60 14.14 -29.84
CA SER C 135 -39.64 15.00 -30.45
CA SER C 135 -39.62 14.99 -30.48
C SER C 135 -40.83 14.18 -30.90
C SER C 135 -40.82 14.16 -30.88
N LYS C 136 -40.57 13.07 -31.58
CA LYS C 136 -41.63 12.20 -32.07
C LYS C 136 -42.46 11.65 -30.92
N LEU C 137 -41.81 11.29 -29.81
CA LEU C 137 -42.53 10.74 -28.67
C LEU C 137 -43.36 11.78 -27.93
N PHE C 138 -42.78 12.94 -27.67
CA PHE C 138 -43.34 13.82 -26.64
C PHE C 138 -43.94 15.18 -27.08
N ALA C 139 -43.59 15.68 -28.26
CA ALA C 139 -43.97 17.04 -28.67
C ALA C 139 -45.44 17.39 -28.47
N ASP C 140 -46.32 16.41 -28.70
CA ASP C 140 -47.77 16.66 -28.68
C ASP C 140 -48.44 16.11 -27.42
N LYS C 141 -47.66 15.50 -26.54
CA LYS C 141 -48.24 14.84 -25.38
C LYS C 141 -47.80 15.46 -24.05
N LYS C 142 -46.51 15.76 -23.92
CA LYS C 142 -45.95 16.19 -22.64
C LYS C 142 -44.51 16.67 -22.85
N ARG C 143 -44.35 17.94 -23.18
CA ARG C 143 -43.05 18.48 -23.55
C ARG C 143 -42.04 18.59 -22.42
N ASP C 144 -42.51 18.53 -21.18
CA ASP C 144 -41.63 18.57 -20.02
C ASP C 144 -40.92 17.22 -19.71
N CYS C 145 -41.20 16.19 -20.51
CA CYS C 145 -40.55 14.88 -20.35
C CYS C 145 -39.03 14.93 -20.50
N ILE C 146 -38.30 14.16 -19.68
CA ILE C 146 -36.85 14.19 -19.74
C ILE C 146 -36.29 13.00 -20.49
N ASP C 147 -35.02 13.16 -20.89
CA ASP C 147 -34.21 12.09 -21.51
C ASP C 147 -33.01 11.75 -20.60
N ILE C 148 -32.95 10.51 -20.11
CA ILE C 148 -31.79 10.03 -19.35
C ILE C 148 -30.94 9.14 -20.24
N SER C 149 -29.76 9.63 -20.58
CA SER C 149 -28.83 8.87 -21.39
C SER C 149 -27.79 8.19 -20.50
N ILE C 150 -27.56 6.89 -20.75
CA ILE C 150 -26.54 6.12 -20.01
C ILE C 150 -25.41 5.76 -20.97
N PHE C 151 -24.27 6.43 -20.83
CA PHE C 151 -23.11 6.11 -21.62
C PHE C 151 -22.43 4.91 -20.97
N SER C 152 -22.54 3.78 -21.64
CA SER C 152 -22.10 2.49 -21.16
C SER C 152 -20.80 2.13 -21.85
N THR C 153 -19.77 1.79 -21.07
CA THR C 153 -18.43 1.54 -21.61
C THR C 153 -17.67 0.63 -20.64
N PRO C 154 -16.69 -0.16 -21.13
CA PRO C 154 -15.99 -1.05 -20.19
C PRO C 154 -15.45 -0.27 -18.99
N GLY C 155 -15.77 -0.74 -17.79
CA GLY C 155 -15.33 -0.09 -16.57
C GLY C 155 -16.35 0.82 -15.87
N SER C 156 -17.35 1.34 -16.61
CA SER C 156 -18.29 2.32 -16.02
C SER C 156 -19.56 2.69 -16.80
N VAL C 157 -20.54 3.21 -16.07
CA VAL C 157 -21.71 3.84 -16.66
C VAL C 157 -21.74 5.32 -16.23
N SER C 158 -22.10 6.19 -17.16
CA SER C 158 -22.18 7.62 -16.91
C SER C 158 -23.56 8.08 -17.33
N LEU C 159 -24.29 8.67 -16.39
CA LEU C 159 -25.67 9.06 -16.61
C LEU C 159 -25.78 10.57 -16.77
N SER C 160 -26.62 11.02 -17.70
CA SER C 160 -26.96 12.43 -17.81
C SER C 160 -28.44 12.58 -18.17
N ALA C 161 -29.13 13.44 -17.43
CA ALA C 161 -30.53 13.77 -17.71
C ALA C 161 -30.64 15.11 -18.42
N TYR C 162 -31.53 15.17 -19.42
CA TYR C 162 -31.75 16.39 -20.21
C TYR C 162 -33.23 16.74 -20.34
N ASN C 163 -33.52 18.05 -20.41
CA ASN C 163 -34.78 18.56 -20.95
C ASN C 163 -34.55 19.03 -22.37
N LEU C 164 -35.61 19.08 -23.17
CA LEU C 164 -35.46 19.45 -24.57
C LEU C 164 -36.18 20.77 -24.78
N THR C 165 -35.50 21.74 -25.39
CA THR C 165 -36.09 23.08 -25.60
C THR C 165 -37.17 23.04 -26.66
N ASP C 166 -38.01 24.08 -26.67
CA ASP C 166 -39.02 24.23 -27.72
C ASP C 166 -38.37 24.27 -29.11
N GLU C 167 -37.26 24.99 -29.24
CA GLU C 167 -36.48 24.99 -30.48
C GLU C 167 -36.08 23.57 -30.88
N GLY C 168 -35.68 22.79 -29.90
CA GLY C 168 -35.27 21.42 -30.13
C GLY C 168 -36.42 20.56 -30.61
N TYR C 169 -37.58 20.70 -29.97
CA TYR C 169 -38.79 19.98 -30.40
C TYR C 169 -39.11 20.29 -31.87
N GLN C 170 -38.82 21.52 -32.27
CA GLN C 170 -39.16 21.99 -33.60
C GLN C 170 -38.23 21.38 -34.66
N TRP C 171 -36.92 21.44 -34.41
CA TRP C 171 -35.96 20.86 -35.33
C TRP C 171 -36.20 19.36 -35.45
N GLY C 172 -36.45 18.73 -34.31
CA GLY C 172 -36.67 17.29 -34.26
C GLY C 172 -37.86 16.80 -35.09
N GLU C 173 -38.83 17.66 -35.31
CA GLU C 173 -39.99 17.28 -36.10
C GLU C 173 -39.82 17.68 -37.57
N GLU C 174 -38.99 18.68 -37.83
CA GLU C 174 -38.56 18.98 -39.18
C GLU C 174 -37.76 17.80 -39.69
N ASN C 175 -36.71 17.46 -38.96
CA ASN C 175 -35.83 16.35 -39.32
C ASN C 175 -36.24 15.04 -38.68
N LYS C 176 -37.50 14.65 -38.87
CA LYS C 176 -37.99 13.37 -38.34
C LYS C 176 -37.37 12.18 -39.08
N ASP C 177 -36.74 12.46 -40.22
CA ASP C 177 -36.23 11.46 -41.14
C ASP C 177 -35.28 10.45 -40.49
N ILE C 178 -35.39 9.19 -40.92
CA ILE C 178 -34.73 8.07 -40.26
C ILE C 178 -33.24 7.96 -40.61
N MET C 179 -32.86 8.50 -41.78
CA MET C 179 -31.44 8.53 -42.16
C MET C 179 -30.67 9.39 -41.18
N ASN C 180 -31.08 10.65 -41.06
CA ASN C 180 -30.51 11.59 -40.09
C ASN C 180 -29.00 11.77 -40.27
N VAL C 181 -28.58 11.93 -41.53
CA VAL C 181 -27.16 12.13 -41.86
C VAL C 181 -26.88 13.57 -42.23
N LEU C 182 -27.96 14.32 -42.50
CA LEU C 182 -27.84 15.73 -42.82
C LEU C 182 -27.40 16.51 -41.59
N SER C 183 -28.25 16.49 -40.56
CA SER C 183 -28.00 17.20 -39.30
C SER C 183 -27.69 18.67 -39.51
N GLU C 184 -28.32 19.26 -40.53
CA GLU C 184 -28.18 20.68 -40.77
C GLU C 184 -28.88 21.44 -39.64
N GLY C 185 -28.15 22.37 -39.02
CA GLY C 185 -28.71 23.19 -37.96
C GLY C 185 -29.07 22.43 -36.70
N PHE C 186 -28.31 21.38 -36.39
CA PHE C 186 -28.43 20.74 -35.09
C PHE C 186 -27.59 21.51 -34.09
N GLU C 187 -28.13 21.72 -32.90
CA GLU C 187 -27.45 22.47 -31.86
C GLU C 187 -27.41 21.69 -30.55
N PRO C 188 -26.23 21.66 -29.91
CA PRO C 188 -26.09 21.11 -28.57
C PRO C 188 -27.02 21.83 -27.60
N THR C 189 -27.32 23.08 -27.94
CA THR C 189 -28.13 23.96 -27.11
C THR C 189 -29.61 23.61 -27.14
N PHE C 190 -29.98 22.69 -28.03
CA PHE C 190 -31.34 22.14 -28.01
C PHE C 190 -31.69 21.43 -26.70
N SER C 191 -30.69 21.07 -25.91
CA SER C 191 -30.91 20.37 -24.64
C SER C 191 -30.34 21.15 -23.46
N THR C 192 -30.99 21.01 -22.30
CA THR C 192 -30.51 21.65 -21.08
C THR C 192 -30.41 20.62 -19.95
N HIS C 193 -29.62 20.95 -18.94
CA HIS C 193 -29.33 20.04 -17.84
C HIS C 193 -30.52 19.81 -16.89
N ALA C 194 -30.89 18.54 -16.70
CA ALA C 194 -31.86 18.18 -15.68
C ALA C 194 -31.13 17.52 -14.50
N GLN C 195 -31.68 17.71 -13.31
CA GLN C 195 -31.03 17.24 -12.10
C GLN C 195 -31.48 15.81 -11.82
N LEU C 196 -30.50 14.95 -11.52
CA LEU C 196 -30.73 13.52 -11.41
C LEU C 196 -30.00 12.96 -10.20
N LEU C 197 -30.71 12.19 -9.38
CA LEU C 197 -30.08 11.45 -8.29
C LEU C 197 -30.31 9.95 -8.44
N LEU C 198 -29.27 9.18 -8.13
CA LEU C 198 -29.38 7.73 -8.02
C LEU C 198 -29.67 7.41 -6.57
N SER C 199 -30.56 6.48 -6.28
CA SER C 199 -30.84 6.13 -4.90
C SER C 199 -31.04 4.63 -4.70
N ASP C 200 -30.40 4.08 -3.69
CA ASP C 200 -30.67 2.69 -3.32
C ASP C 200 -31.51 2.59 -2.05
N ARG C 201 -32.20 3.69 -1.72
CA ARG C 201 -33.11 3.66 -0.58
C ARG C 201 -34.55 3.37 -1.02
N ILE C 202 -34.82 3.53 -2.33
CA ILE C 202 -36.10 3.17 -2.93
C ILE C 202 -35.97 2.06 -3.97
N THR C 203 -37.07 1.33 -4.17
CA THR C 203 -37.14 0.22 -5.12
C THR C 203 -38.17 0.52 -6.23
N GLY C 204 -37.84 0.18 -7.46
CA GLY C 204 -38.77 0.34 -8.57
C GLY C 204 -39.14 -0.99 -9.20
N ASN C 205 -40.08 -0.97 -10.15
CA ASN C 205 -40.44 -2.19 -10.86
C ASN C 205 -40.50 -2.00 -12.39
N PHE C 206 -40.85 -3.07 -13.10
CA PHE C 206 -40.86 -3.06 -14.55
C PHE C 206 -42.23 -3.49 -15.06
N ILE C 207 -42.67 -2.83 -16.12
CA ILE C 207 -43.82 -3.28 -16.88
C ILE C 207 -43.22 -3.71 -18.23
N ILE C 208 -43.68 -4.84 -18.79
CA ILE C 208 -43.10 -5.42 -20.03
C ILE C 208 -44.22 -5.82 -20.98
N PRO C 209 -43.91 -6.07 -22.27
CA PRO C 209 -44.97 -6.55 -23.18
C PRO C 209 -45.55 -7.89 -22.70
N SER C 210 -46.84 -8.08 -22.86
CA SER C 210 -47.47 -9.25 -22.27
C SER C 210 -46.95 -10.62 -22.78
N GLY C 211 -46.35 -10.63 -23.98
CA GLY C 211 -45.76 -11.85 -24.52
C GLY C 211 -44.25 -11.95 -24.32
N ASN C 212 -43.72 -11.05 -23.48
CA ASN C 212 -42.30 -10.96 -23.07
C ASN C 212 -41.36 -10.30 -24.07
N VAL C 213 -41.77 -10.17 -25.33
CA VAL C 213 -40.85 -9.82 -26.40
C VAL C 213 -40.78 -8.29 -26.57
N TRP C 214 -39.60 -7.70 -26.37
CA TRP C 214 -39.45 -6.25 -26.58
C TRP C 214 -38.42 -5.91 -27.64
N ASN C 215 -37.46 -6.81 -27.84
CA ASN C 215 -36.36 -6.60 -28.79
C ASN C 215 -36.69 -7.22 -30.14
N TYR C 216 -37.02 -6.37 -31.10
CA TYR C 216 -37.40 -6.78 -32.46
C TYR C 216 -36.25 -6.69 -33.46
N THR C 217 -35.03 -6.59 -32.94
CA THR C 217 -33.85 -6.38 -33.77
C THR C 217 -33.62 -7.49 -34.80
N PHE C 218 -33.95 -8.73 -34.44
CA PHE C 218 -33.80 -9.84 -35.38
C PHE C 218 -35.15 -10.33 -35.89
N MET C 219 -36.15 -9.47 -35.80
CA MET C 219 -37.49 -9.77 -36.26
C MET C 219 -38.06 -8.49 -36.86
N GLY C 220 -37.23 -7.81 -37.64
CA GLY C 220 -37.53 -6.47 -38.12
C GLY C 220 -38.86 -6.30 -38.84
N THR C 221 -39.18 -7.24 -39.73
CA THR C 221 -40.43 -7.17 -40.48
C THR C 221 -41.63 -7.24 -39.53
N ALA C 222 -41.46 -8.01 -38.46
CA ALA C 222 -42.54 -8.24 -37.49
C ALA C 222 -42.78 -7.06 -36.54
N PHE C 223 -42.00 -5.99 -36.71
CA PHE C 223 -42.09 -4.84 -35.81
C PHE C 223 -42.95 -3.73 -36.38
N ASN C 224 -43.91 -3.30 -35.57
CA ASN C 224 -44.78 -2.21 -35.93
C ASN C 224 -44.56 -1.04 -34.95
N GLN C 225 -43.89 0.01 -35.42
CA GLN C 225 -43.59 1.16 -34.56
C GLN C 225 -44.85 1.88 -34.10
N GLU C 226 -45.94 1.69 -34.84
CA GLU C 226 -47.21 2.32 -34.50
C GLU C 226 -48.11 1.38 -33.71
N GLY C 227 -47.60 0.18 -33.46
CA GLY C 227 -48.39 -0.86 -32.82
C GLY C 227 -48.94 -0.48 -31.46
N ASP C 228 -50.17 -0.91 -31.21
CA ASP C 228 -50.83 -0.75 -29.91
C ASP C 228 -50.65 -2.05 -29.15
N TYR C 229 -49.70 -2.06 -28.21
CA TYR C 229 -49.26 -3.32 -27.59
C TYR C 229 -49.95 -3.56 -26.23
N ASN C 230 -49.86 -4.80 -25.74
CA ASN C 230 -50.40 -5.23 -24.44
C ASN C 230 -49.29 -5.35 -23.37
N PHE C 231 -49.56 -4.86 -22.15
CA PHE C 231 -48.50 -4.73 -21.11
C PHE C 231 -48.85 -5.41 -19.79
N LYS C 232 -47.83 -5.80 -19.01
CA LYS C 232 -48.04 -6.45 -17.72
C LYS C 232 -46.82 -6.21 -16.84
N TYR C 233 -46.96 -6.44 -15.54
CA TYR C 233 -45.81 -6.36 -14.65
C TYR C 233 -44.94 -7.55 -14.92
N GLY C 234 -43.62 -7.37 -14.93
CA GLY C 234 -42.77 -8.53 -15.11
C GLY C 234 -41.29 -8.22 -15.01
N ILE C 235 -40.49 -9.27 -15.19
CA ILE C 235 -39.05 -9.16 -15.21
C ILE C 235 -38.60 -9.20 -16.66
N PRO C 236 -38.08 -8.08 -17.15
CA PRO C 236 -37.68 -7.93 -18.57
C PRO C 236 -36.60 -8.95 -18.97
N LEU C 237 -36.73 -9.53 -20.17
CA LEU C 237 -35.71 -10.46 -20.68
C LEU C 237 -34.50 -9.73 -21.22
N GLU C 238 -33.34 -10.38 -21.16
CA GLU C 238 -32.12 -9.84 -21.77
C GLU C 238 -32.18 -9.75 -23.30
N PHE C 239 -31.30 -8.93 -23.86
CA PHE C 239 -31.27 -8.63 -25.29
C PHE C 239 -31.25 -9.87 -26.18
N TYR C 240 -30.33 -10.81 -25.90
CA TYR C 240 -30.22 -12.03 -26.67
C TYR C 240 -30.95 -13.24 -26.11
N ASN C 241 -31.94 -13.01 -25.25
CA ASN C 241 -32.81 -14.11 -24.84
C ASN C 241 -33.33 -14.93 -26.05
N GLU C 242 -33.55 -16.24 -25.87
CA GLU C 242 -34.04 -17.04 -26.98
C GLU C 242 -35.35 -16.50 -27.57
N MET C 243 -36.19 -15.86 -26.74
CA MET C 243 -37.47 -15.35 -27.23
C MET C 243 -37.27 -14.18 -28.20
N HIS C 244 -36.07 -13.61 -28.21
CA HIS C 244 -35.72 -12.53 -29.14
C HIS C 244 -35.01 -13.03 -30.40
N ARG C 245 -34.93 -14.35 -30.55
CA ARG C 245 -34.41 -15.00 -31.76
C ARG C 245 -35.55 -15.45 -32.68
N PRO C 246 -35.32 -15.42 -34.00
CA PRO C 246 -36.35 -16.04 -34.87
C PRO C 246 -36.48 -17.56 -34.63
N VAL C 247 -37.63 -18.01 -34.10
CA VAL C 247 -37.86 -19.44 -33.81
C VAL C 247 -37.71 -20.31 -35.06
N HIS C 248 -36.83 -21.31 -34.99
CA HIS C 248 -36.38 -22.02 -36.20
C HIS C 248 -36.59 -23.54 -36.30
N PHE C 249 -36.34 -24.06 -37.51
CA PHE C 249 -36.48 -25.48 -37.91
C PHE C 249 -37.90 -25.82 -38.38
#